data_3OJY
#
_entry.id   3OJY
#
_cell.length_a   139.575
_cell.length_b   139.575
_cell.length_c   127.160
_cell.angle_alpha   90.000
_cell.angle_beta   90.000
_cell.angle_gamma   120.000
#
_symmetry.space_group_name_H-M   'P 63'
#
loop_
_entity.id
_entity.type
_entity.pdbx_description
1 polymer 'Complement component C8 alpha chain'
2 polymer 'Complement component C8 beta chain'
3 polymer 'Complement component C8 gamma chain'
4 non-polymer 'CALCIUM ION'
5 non-polymer beta-D-mannopyranose
#
loop_
_entity_poly.entity_id
_entity_poly.type
_entity_poly.pdbx_seq_one_letter_code
_entity_poly.pdbx_strand_id
1 'polypeptide(L)'
;AATPAAVTCQLSNWSEWTDCFPCQDKKYRHRSLLQPNKFGGTICSGDIWDQASCSSSTTCVRQAQCGQDFQCKETGRCLK
RHLVCNGDQDCLDGSDEDDCEDVRAIDEDCSQYEPIPGSQKAALGYNILTQEDAQSVYDASYYGGQCETVYNGEWRELRY
DSTCERLYYGDDEKYFRKPYNFLKYHFEALADTGISSEFYDNANDLLSKVKKDKSDSFGVTIGIGPAGSPLLVGVGVSHS
QDTSFLNELNKYNEKKFIFTRIFTKVQTAHFKMRKDDIMLDEGMLQSLMELPDQYNYGMYAKFINDYGTHYITSGSMGGI
YEYILVIDKAKMESLGITSRDITTCFGGSLGIQYEDKINVGGGLSGDHCKKFGGGKTERARKAMAVEDIISRVRGGSSGW
SGGLAQNRSTITYRSWGRSLKYNPVVIDFEMQPIHEVLRHTSLGPLEAKRQNLRRALDQYLMEFNACRCGPCFNNGVPIL
EGTSCRCQCRLGSLGAACEQTQTEGAKADGSWSCWSSWSVCRAGIQERRRECDNPAPQNGGASCPGRKVQTQAC
;
A
2 'polypeptide(L)'
;SVDVTLMPIDCELSSWSSWTTCDPCQKKRYRYAYLLQPSQFHGEPCNFSDKEVEDCVTNRPCRSQVRCEGFVCAQTGRCV
NRRLLCNGDNDCGDQSDEANCRRIYKKCQHEMDQYWGIGSLASGINLFTNSFEGPVLDHRYYAGGCSPHYILNTRFRKPY
NVESYTPQTQGKYEFILKEYESYSDFERNVTEKMASKSGFSFGFKIPGIFELGISSQSDRGKHYIRRTKRFSHTKSVFLH
ARSDLEVAHYKLKPRSLMLHYEFLQRVKRLPLEYSYGEYRDLFRDFGTHYITEAVLGGIYEYTLVMNKEAMERGDYTLNN
VHACAKNDFKIGGAIEEVYVSLGVSVGKCRGILNEIKDRNKRD(TPO)MVEDLVVLVRGGASEHITTLAYQELPTADLMQ
EWGDAVQYNPAIIKVKVEPLYELVTATDFAYSSTVRQNMKQALEEFQKEVSSCHCAPCQGNGVPVLKGSRCDCICPVGSQ
GLACEVSYRKNTPIDGKWNCWSNWSSCSGRRKTRQRQCNNPPPQNGGSPCSGPASETLDCS
;
B
3 'polypeptide(L)'
;QKPQRPRRPASPISTIQPKANFDAQQFAGTWLLVAVGSACRFLQEQGHRAEATTLHVAPQGTAMAVSTFRKLDGICWQVR
QLYGDTGVLGRFLLQARDARGAVHVVVAETDYQSFAVLYLERAGQLSVKLYARSLPVSDSVLSGFEQRVQEAHLTEDQIF
YFPKYGFCEAADQFHVLDEVRR
;
C
#
# COMPACT_ATOMS: atom_id res chain seq x y z
N ALA A 2 -0.09 45.83 14.87
CA ALA A 2 -0.66 46.09 13.52
C ALA A 2 -1.77 45.09 13.20
N THR A 3 -2.88 45.19 13.95
CA THR A 3 -4.13 44.44 13.67
C THR A 3 -4.65 44.81 12.27
N PRO A 4 -4.65 43.85 11.34
CA PRO A 4 -5.17 44.23 10.02
C PRO A 4 -6.68 44.52 10.13
N ALA A 5 -7.15 45.46 9.32
CA ALA A 5 -8.56 45.82 9.30
C ALA A 5 -9.40 44.62 8.84
N ALA A 6 -10.35 44.21 9.69
CA ALA A 6 -11.21 43.06 9.42
C ALA A 6 -11.99 43.28 8.11
N VAL A 7 -12.48 42.20 7.49
CA VAL A 7 -13.15 42.28 6.19
C VAL A 7 -14.49 41.53 6.18
N THR A 8 -15.49 42.12 5.53
CA THR A 8 -16.83 41.53 5.37
C THR A 8 -16.79 40.52 4.22
N CYS A 9 -17.58 39.46 4.32
CA CYS A 9 -17.69 38.45 3.24
C CYS A 9 -18.42 38.96 2.01
N GLN A 10 -17.87 38.69 0.82
CA GLN A 10 -18.47 39.08 -0.47
C GLN A 10 -18.75 37.89 -1.36
N LEU A 11 -20.03 37.70 -1.69
CA LEU A 11 -20.51 36.69 -2.63
C LEU A 11 -21.04 37.41 -3.86
N SER A 12 -20.84 36.82 -5.04
CA SER A 12 -21.38 37.36 -6.27
C SER A 12 -22.89 37.21 -6.26
N ASN A 13 -23.54 37.67 -7.31
CA ASN A 13 -24.97 37.47 -7.49
C ASN A 13 -25.20 36.07 -7.99
N TRP A 14 -26.38 35.58 -7.73
CA TRP A 14 -26.77 34.28 -8.23
C TRP A 14 -26.69 34.34 -9.73
N SER A 15 -26.05 33.35 -10.35
CA SER A 15 -26.04 33.23 -11.80
C SER A 15 -27.43 32.91 -12.24
N GLU A 16 -27.71 33.08 -13.52
CA GLU A 16 -29.05 32.82 -13.98
C GLU A 16 -29.23 31.33 -13.92
N TRP A 17 -30.43 30.88 -13.59
CA TRP A 17 -30.75 29.48 -13.49
C TRP A 17 -30.37 28.78 -14.77
N THR A 18 -29.82 27.58 -14.66
CA THR A 18 -29.64 26.74 -15.81
C THR A 18 -31.03 26.39 -16.29
N ASP A 19 -31.15 25.85 -17.50
CA ASP A 19 -32.39 25.22 -17.93
C ASP A 19 -32.67 24.00 -16.99
N CYS A 20 -33.92 23.53 -16.99
CA CYS A 20 -34.36 22.33 -16.25
C CYS A 20 -33.72 21.00 -16.68
N PHE A 21 -33.73 19.99 -15.81
CA PHE A 21 -33.07 18.73 -16.17
C PHE A 21 -33.93 17.48 -16.05
N PRO A 22 -34.60 17.11 -17.16
CA PRO A 22 -35.57 16.01 -17.21
C PRO A 22 -35.24 14.84 -16.29
N CYS A 23 -34.00 14.41 -16.22
CA CYS A 23 -33.78 13.14 -15.58
C CYS A 23 -33.68 13.26 -14.07
N GLN A 24 -34.30 14.33 -13.53
CA GLN A 24 -34.45 14.60 -12.08
C GLN A 24 -35.27 15.88 -11.79
N ASP A 25 -35.67 16.59 -12.84
CA ASP A 25 -36.50 17.77 -12.70
C ASP A 25 -35.88 18.81 -11.73
N LYS A 26 -34.73 19.34 -12.12
CA LYS A 26 -33.95 20.24 -11.28
C LYS A 26 -33.39 21.40 -12.08
N LYS A 27 -33.47 22.59 -11.48
CA LYS A 27 -32.87 23.85 -11.92
C LYS A 27 -31.58 24.02 -11.09
N TYR A 28 -30.58 24.73 -11.57
CA TYR A 28 -29.40 25.07 -10.71
C TYR A 28 -28.92 26.48 -10.95
N ARG A 29 -28.32 27.06 -9.92
CA ARG A 29 -27.59 28.29 -10.05
C ARG A 29 -26.47 28.33 -9.01
N HIS A 30 -25.55 29.28 -9.13
CA HIS A 30 -24.46 29.40 -8.15
C HIS A 30 -24.05 30.86 -8.02
N ARG A 31 -23.20 31.14 -7.05
CA ARG A 31 -22.54 32.45 -6.98
C ARG A 31 -21.13 32.21 -6.47
N SER A 32 -20.26 33.20 -6.61
CA SER A 32 -18.84 33.01 -6.33
C SER A 32 -18.28 33.72 -5.10
N LEU A 33 -17.19 33.19 -4.55
CA LEU A 33 -16.59 33.75 -3.35
C LEU A 33 -15.84 34.93 -3.83
N LEU A 34 -16.50 36.08 -3.76
CA LEU A 34 -15.83 37.30 -4.12
C LEU A 34 -14.82 37.63 -3.03
N GLN A 35 -15.25 37.64 -1.78
CA GLN A 35 -14.30 37.85 -0.69
C GLN A 35 -14.74 37.13 0.59
N PRO A 36 -13.90 36.24 1.12
CA PRO A 36 -14.20 35.62 2.42
C PRO A 36 -14.08 36.63 3.61
N ASN A 37 -14.72 36.37 4.76
CA ASN A 37 -14.56 37.25 5.91
C ASN A 37 -13.32 36.98 6.74
N LYS A 38 -12.35 37.90 6.70
CA LYS A 38 -11.06 37.65 7.34
C LYS A 38 -10.89 37.74 8.88
N PHE A 39 -11.18 38.90 9.49
CA PHE A 39 -10.70 39.06 10.88
C PHE A 39 -11.73 39.02 12.00
N GLY A 40 -12.74 39.85 11.87
CA GLY A 40 -13.97 39.69 12.59
C GLY A 40 -15.05 40.07 11.62
N GLY A 41 -14.69 40.03 10.33
CA GLY A 41 -15.66 40.30 9.28
C GLY A 41 -16.88 39.44 9.55
N THR A 42 -18.06 39.98 9.27
CA THR A 42 -19.26 39.22 9.51
C THR A 42 -19.38 38.12 8.44
N ILE A 43 -19.86 36.97 8.88
CA ILE A 43 -20.10 35.83 8.00
C ILE A 43 -20.97 36.25 6.80
N CYS A 44 -20.95 35.46 5.74
CA CYS A 44 -21.99 35.62 4.71
C CYS A 44 -22.85 34.36 4.76
N SER A 45 -24.01 34.53 5.38
CA SER A 45 -24.97 33.46 5.72
C SER A 45 -25.23 32.39 4.67
N GLY A 46 -25.53 32.82 3.44
CA GLY A 46 -26.06 31.93 2.41
C GLY A 46 -25.05 30.96 1.84
N ASP A 47 -25.50 29.96 1.11
CA ASP A 47 -24.58 29.01 0.50
C ASP A 47 -24.16 29.41 -0.95
N ILE A 48 -23.19 28.71 -1.51
CA ILE A 48 -22.68 29.09 -2.81
C ILE A 48 -23.30 28.28 -3.92
N TRP A 49 -24.08 27.27 -3.55
CA TRP A 49 -24.87 26.54 -4.56
C TRP A 49 -26.36 26.63 -4.28
N ASP A 50 -27.19 26.39 -5.31
CA ASP A 50 -28.64 26.49 -5.15
C ASP A 50 -29.35 25.56 -6.10
N GLN A 51 -30.56 25.19 -5.74
CA GLN A 51 -31.31 24.31 -6.59
C GLN A 51 -32.80 24.49 -6.34
N ALA A 52 -33.59 23.85 -7.19
CA ALA A 52 -35.02 24.05 -7.22
C ALA A 52 -35.70 22.87 -7.90
N SER A 53 -36.70 22.29 -7.24
CA SER A 53 -37.64 21.39 -7.92
C SER A 53 -38.03 22.04 -9.23
N CYS A 54 -38.18 21.23 -10.26
CA CYS A 54 -38.44 21.77 -11.58
C CYS A 54 -39.30 20.77 -12.35
N SER A 55 -40.18 21.24 -13.23
CA SER A 55 -41.02 20.28 -13.98
C SER A 55 -41.50 20.79 -15.32
N SER A 56 -40.58 21.45 -16.03
CA SER A 56 -40.77 21.74 -17.44
C SER A 56 -40.05 20.66 -18.26
N SER A 57 -39.68 19.57 -17.56
CA SER A 57 -39.00 18.42 -18.15
C SER A 57 -39.68 17.97 -19.43
N THR A 58 -38.90 17.55 -20.42
CA THR A 58 -39.43 17.15 -21.73
C THR A 58 -39.28 15.65 -22.03
N THR A 59 -38.17 15.05 -21.60
CA THR A 59 -37.86 13.66 -21.94
C THR A 59 -37.07 12.94 -20.85
N CYS A 60 -37.76 12.21 -19.99
CA CYS A 60 -37.11 11.35 -19.01
C CYS A 60 -38.08 11.03 -17.89
N GLN A 63 -29.31 9.17 -22.25
CA GLN A 63 -27.90 8.83 -22.37
C GLN A 63 -27.68 7.57 -23.20
N ALA A 64 -28.74 6.75 -23.34
CA ALA A 64 -28.73 5.50 -24.10
C ALA A 64 -27.81 5.64 -25.30
N GLN A 65 -26.64 5.03 -25.23
CA GLN A 65 -25.59 5.28 -26.21
C GLN A 65 -24.93 4.00 -26.65
N CYS A 66 -25.41 2.88 -26.13
CA CYS A 66 -24.62 1.66 -26.08
C CYS A 66 -24.69 0.79 -27.32
N GLY A 67 -24.41 1.37 -28.49
CA GLY A 67 -24.54 0.69 -29.79
C GLY A 67 -24.99 -0.76 -29.72
N GLN A 68 -24.08 -1.66 -30.07
CA GLN A 68 -24.37 -3.08 -30.03
C GLN A 68 -24.19 -3.68 -28.63
N ASP A 69 -23.46 -2.97 -27.77
CA ASP A 69 -23.25 -3.40 -26.38
C ASP A 69 -24.53 -3.42 -25.57
N PHE A 70 -24.55 -4.25 -24.54
CA PHE A 70 -25.58 -4.24 -23.53
C PHE A 70 -25.55 -2.95 -22.69
N GLN A 71 -26.71 -2.58 -22.16
CA GLN A 71 -26.84 -1.38 -21.35
C GLN A 71 -27.63 -1.75 -20.09
N CYS A 72 -27.22 -1.25 -18.92
CA CYS A 72 -27.99 -1.53 -17.68
C CYS A 72 -29.25 -0.67 -17.62
N LYS A 73 -30.20 -1.08 -16.79
CA LYS A 73 -31.48 -0.38 -16.64
C LYS A 73 -31.28 1.12 -16.47
N GLU A 74 -31.00 1.57 -15.24
CA GLU A 74 -30.85 3.01 -15.12
C GLU A 74 -29.50 3.54 -14.73
N THR A 75 -28.52 2.66 -14.78
CA THR A 75 -27.19 3.14 -15.07
C THR A 75 -27.02 2.99 -16.58
N GLY A 76 -26.34 3.94 -17.22
CA GLY A 76 -26.03 3.78 -18.63
C GLY A 76 -24.69 3.11 -18.84
N ARG A 77 -24.33 2.17 -17.98
CA ARG A 77 -23.07 1.45 -18.19
C ARG A 77 -23.19 0.51 -19.40
N CYS A 78 -22.25 0.64 -20.32
CA CYS A 78 -22.21 -0.15 -21.52
C CYS A 78 -21.43 -1.40 -21.22
N LEU A 79 -22.08 -2.55 -21.38
CA LEU A 79 -21.41 -3.83 -21.23
C LEU A 79 -21.28 -4.62 -22.55
N LYS A 80 -20.12 -5.23 -22.76
CA LYS A 80 -19.98 -6.20 -23.79
C LYS A 80 -20.86 -7.38 -23.44
N ARG A 81 -21.62 -7.87 -24.44
CA ARG A 81 -22.75 -8.78 -24.25
C ARG A 81 -22.38 -10.10 -23.63
N HIS A 82 -21.10 -10.42 -23.61
CA HIS A 82 -20.67 -11.65 -23.01
C HIS A 82 -20.64 -11.58 -21.48
N LEU A 83 -20.88 -10.42 -20.90
CA LEU A 83 -20.95 -10.33 -19.46
C LEU A 83 -22.40 -10.39 -19.06
N VAL A 84 -23.24 -10.71 -20.04
CA VAL A 84 -24.65 -10.94 -19.80
C VAL A 84 -24.82 -12.37 -19.33
N CYS A 85 -25.26 -12.53 -18.08
CA CYS A 85 -25.43 -13.83 -17.38
C CYS A 85 -24.16 -14.65 -17.36
N ASN A 86 -23.21 -14.22 -16.56
CA ASN A 86 -21.96 -14.92 -16.43
C ASN A 86 -21.59 -15.24 -14.97
N GLY A 87 -22.56 -15.06 -14.08
CA GLY A 87 -22.40 -15.31 -12.66
C GLY A 87 -21.68 -14.18 -11.99
N ASP A 88 -21.95 -12.96 -12.42
CA ASP A 88 -21.25 -11.80 -11.88
C ASP A 88 -22.04 -10.53 -12.12
N GLN A 89 -22.24 -9.76 -11.06
CA GLN A 89 -22.88 -8.46 -11.18
C GLN A 89 -21.94 -7.43 -11.79
N ASP A 90 -22.09 -7.18 -13.09
CA ASP A 90 -21.33 -6.16 -13.79
C ASP A 90 -22.07 -4.83 -13.89
N CYS A 91 -23.38 -4.87 -13.63
CA CYS A 91 -24.17 -3.66 -13.40
C CYS A 91 -24.62 -3.66 -11.96
N LEU A 92 -24.93 -2.46 -11.45
CA LEU A 92 -25.41 -2.27 -10.08
C LEU A 92 -26.94 -2.44 -9.98
N ASP A 93 -27.60 -2.38 -11.13
CA ASP A 93 -28.99 -2.82 -11.25
C ASP A 93 -29.08 -4.34 -11.14
N GLY A 94 -27.98 -5.03 -11.50
CA GLY A 94 -27.93 -6.49 -11.65
C GLY A 94 -28.57 -6.99 -12.94
N SER A 95 -28.93 -6.05 -13.81
CA SER A 95 -29.72 -6.34 -14.98
C SER A 95 -28.95 -7.04 -16.08
N ASP A 96 -27.74 -7.49 -15.76
CA ASP A 96 -26.94 -8.25 -16.69
C ASP A 96 -26.95 -9.72 -16.29
N GLU A 97 -27.49 -9.99 -15.11
CA GLU A 97 -27.65 -11.37 -14.61
C GLU A 97 -29.13 -11.70 -14.42
N ASP A 98 -29.97 -11.09 -15.24
CA ASP A 98 -31.40 -10.98 -14.98
C ASP A 98 -32.27 -11.67 -16.03
N ASP A 99 -33.23 -12.46 -15.55
CA ASP A 99 -34.14 -13.25 -16.40
C ASP A 99 -33.46 -14.59 -16.81
N CYS A 100 -32.18 -14.70 -16.47
CA CYS A 100 -31.31 -15.79 -16.94
C CYS A 100 -31.64 -17.13 -16.26
N GLU A 101 -32.50 -17.92 -16.90
CA GLU A 101 -32.95 -19.18 -16.32
C GLU A 101 -31.93 -20.28 -16.57
N ASP A 102 -32.02 -20.94 -17.73
CA ASP A 102 -31.15 -22.05 -18.03
C ASP A 102 -29.83 -21.55 -18.56
N VAL A 103 -28.93 -21.24 -17.62
CA VAL A 103 -27.61 -20.73 -17.97
C VAL A 103 -26.55 -21.27 -17.02
N ARG A 104 -25.68 -22.14 -17.53
CA ARG A 104 -24.54 -22.63 -16.76
C ARG A 104 -23.37 -21.62 -16.86
N ALA A 105 -22.57 -21.55 -15.80
CA ALA A 105 -21.49 -20.55 -15.71
C ALA A 105 -20.19 -21.08 -15.10
N ILE A 106 -19.12 -21.01 -15.90
CA ILE A 106 -17.74 -21.32 -15.49
C ILE A 106 -17.41 -20.55 -14.20
N ASP A 107 -16.53 -21.09 -13.34
CA ASP A 107 -16.14 -20.38 -12.11
C ASP A 107 -14.79 -19.71 -12.15
N GLU A 108 -13.86 -20.34 -12.88
CA GLU A 108 -12.43 -19.99 -12.87
C GLU A 108 -11.85 -20.07 -11.46
N ASP A 109 -12.68 -20.53 -10.51
CA ASP A 109 -12.29 -20.79 -9.13
C ASP A 109 -11.45 -19.62 -8.66
N CYS A 110 -12.15 -18.52 -8.45
CA CYS A 110 -11.59 -17.19 -8.59
C CYS A 110 -12.49 -16.19 -7.85
N SER A 111 -13.80 -16.28 -8.09
CA SER A 111 -14.76 -15.48 -7.35
C SER A 111 -14.89 -15.97 -5.90
N GLN A 112 -14.10 -17.00 -5.56
CA GLN A 112 -14.07 -17.54 -4.21
C GLN A 112 -13.24 -16.61 -3.30
N TYR A 113 -12.51 -15.68 -3.93
CA TYR A 113 -11.48 -14.89 -3.27
C TYR A 113 -11.87 -13.42 -3.05
N GLU A 114 -11.30 -12.80 -2.04
CA GLU A 114 -11.47 -11.37 -1.82
C GLU A 114 -10.66 -10.46 -2.80
N PRO A 115 -11.15 -9.22 -3.04
CA PRO A 115 -10.42 -8.20 -3.78
C PRO A 115 -9.13 -7.81 -3.13
N ILE A 116 -8.16 -7.37 -3.91
CA ILE A 116 -6.92 -6.88 -3.37
C ILE A 116 -7.20 -5.90 -2.20
N PRO A 117 -6.54 -6.08 -1.05
CA PRO A 117 -6.76 -5.13 0.08
C PRO A 117 -6.47 -3.67 -0.26
N GLY A 118 -7.50 -2.83 -0.15
CA GLY A 118 -7.37 -1.40 -0.32
C GLY A 118 -8.02 -0.88 -1.57
N SER A 119 -8.52 -1.81 -2.37
CA SER A 119 -9.09 -1.52 -3.69
C SER A 119 -10.06 -0.37 -3.66
N GLN A 120 -10.95 -0.34 -2.69
CA GLN A 120 -11.94 0.71 -2.61
C GLN A 120 -11.36 2.06 -2.26
N LYS A 121 -10.34 2.08 -1.40
CA LYS A 121 -9.73 3.36 -1.01
C LYS A 121 -9.00 3.94 -2.20
N ALA A 122 -8.37 3.04 -2.96
CA ALA A 122 -7.58 3.41 -4.14
C ALA A 122 -8.41 3.97 -5.31
N ALA A 123 -9.69 3.61 -5.38
CA ALA A 123 -10.62 4.11 -6.40
C ALA A 123 -11.31 5.43 -6.05
N LEU A 124 -11.03 5.99 -4.87
CA LEU A 124 -11.71 7.21 -4.47
C LEU A 124 -11.04 8.42 -5.09
N GLY A 125 -11.79 9.43 -5.42
CA GLY A 125 -11.13 10.69 -5.75
C GLY A 125 -10.55 11.37 -4.52
N TYR A 126 -9.85 12.44 -4.80
CA TYR A 126 -9.10 13.12 -3.82
C TYR A 126 -9.21 14.60 -4.07
N ASN A 127 -9.37 15.37 -2.99
CA ASN A 127 -9.46 16.81 -3.08
C ASN A 127 -8.28 17.43 -2.39
N ILE A 128 -7.44 18.12 -3.14
CA ILE A 128 -6.24 18.68 -2.53
C ILE A 128 -6.46 19.91 -1.65
N LEU A 129 -7.56 20.63 -1.80
CA LEU A 129 -7.69 21.83 -0.98
C LEU A 129 -7.93 21.46 0.47
N THR A 130 -8.75 20.44 0.65
CA THR A 130 -9.12 19.95 1.96
C THR A 130 -8.38 18.68 2.38
N GLN A 131 -7.62 18.05 1.47
CA GLN A 131 -6.96 16.77 1.77
C GLN A 131 -7.92 15.67 2.19
N GLU A 132 -9.08 15.61 1.56
CA GLU A 132 -10.06 14.60 1.88
C GLU A 132 -10.30 13.71 0.71
N ASP A 133 -11.02 12.62 0.95
CA ASP A 133 -11.38 11.65 -0.07
C ASP A 133 -12.71 12.00 -0.69
N ALA A 134 -12.80 11.99 -2.00
CA ALA A 134 -14.11 12.23 -2.55
C ALA A 134 -14.86 10.90 -2.80
N GLN A 135 -15.86 10.90 -3.64
CA GLN A 135 -16.53 9.65 -4.00
C GLN A 135 -15.74 8.83 -5.05
N SER A 136 -16.21 7.61 -5.28
CA SER A 136 -15.52 6.74 -6.22
C SER A 136 -15.36 7.34 -7.62
N VAL A 137 -14.15 7.22 -8.18
CA VAL A 137 -13.90 7.58 -9.60
C VAL A 137 -13.83 6.29 -10.42
N TYR A 138 -12.98 5.35 -10.02
CA TYR A 138 -13.00 4.02 -10.63
C TYR A 138 -13.99 3.16 -9.90
N ASP A 139 -14.50 2.15 -10.60
CA ASP A 139 -15.29 1.12 -10.00
C ASP A 139 -14.29 0.18 -9.39
N ALA A 140 -14.24 0.11 -8.05
CA ALA A 140 -13.32 -0.79 -7.37
C ALA A 140 -13.63 -2.27 -7.62
N SER A 141 -14.83 -2.58 -8.11
CA SER A 141 -15.37 -3.96 -8.07
C SER A 141 -15.79 -4.55 -9.43
N TYR A 142 -15.48 -3.85 -10.49
CA TYR A 142 -15.69 -4.34 -11.81
C TYR A 142 -14.54 -5.24 -12.25
N TYR A 143 -14.85 -6.47 -12.61
CA TYR A 143 -13.85 -7.46 -13.07
C TYR A 143 -13.92 -7.66 -14.55
N GLY A 144 -15.10 -7.39 -15.09
CA GLY A 144 -15.39 -7.49 -16.53
C GLY A 144 -14.78 -8.70 -17.20
N GLY A 145 -15.10 -9.88 -16.68
CA GLY A 145 -14.62 -11.15 -17.21
C GLY A 145 -13.17 -11.49 -16.86
N GLN A 146 -12.43 -10.54 -16.30
CA GLN A 146 -11.08 -10.88 -15.92
C GLN A 146 -11.05 -11.76 -14.68
N CYS A 147 -10.11 -12.70 -14.65
CA CYS A 147 -9.75 -13.42 -13.43
C CYS A 147 -8.26 -13.42 -13.20
N GLU A 148 -7.77 -12.30 -12.74
CA GLU A 148 -6.39 -12.10 -12.44
C GLU A 148 -6.32 -12.14 -10.91
N THR A 149 -5.24 -12.65 -10.36
CA THR A 149 -5.15 -12.84 -8.93
C THR A 149 -3.78 -12.54 -8.42
N VAL A 150 -3.71 -12.13 -7.15
CA VAL A 150 -2.44 -11.85 -6.53
C VAL A 150 -2.25 -12.80 -5.35
N TYR A 151 -1.17 -13.58 -5.41
CA TYR A 151 -0.87 -14.65 -4.48
C TYR A 151 -0.45 -14.09 -3.12
N ASN A 152 -0.94 -14.73 -2.05
CA ASN A 152 -0.57 -14.39 -0.65
C ASN A 152 0.34 -15.45 -0.01
N GLY A 153 1.63 -15.15 0.14
CA GLY A 153 2.55 -16.05 0.84
C GLY A 153 2.10 -16.63 2.20
N GLU A 154 1.35 -15.85 2.98
CA GLU A 154 1.00 -16.23 4.36
C GLU A 154 -0.15 -17.25 4.49
N TRP A 155 -0.93 -17.40 3.42
CA TRP A 155 -2.11 -18.27 3.38
C TRP A 155 -1.99 -19.64 4.04
N ARG A 156 -0.76 -19.97 4.47
CA ARG A 156 -0.48 -21.35 4.92
C ARG A 156 -0.66 -21.51 6.42
N GLU A 157 -0.06 -20.62 7.21
CA GLU A 157 -0.25 -20.56 8.66
C GLU A 157 -1.55 -21.22 9.14
N LEU A 158 -1.43 -22.16 10.08
CA LEU A 158 -2.61 -22.70 10.74
C LEU A 158 -3.21 -21.63 11.65
N ARG A 159 -4.54 -21.53 11.64
CA ARG A 159 -5.21 -20.51 12.44
C ARG A 159 -6.55 -20.99 12.98
N TYR A 160 -6.88 -20.54 14.19
CA TYR A 160 -8.19 -20.75 14.74
C TYR A 160 -8.96 -19.47 14.72
N ASP A 161 -10.28 -19.55 14.88
CA ASP A 161 -11.14 -18.42 14.59
C ASP A 161 -12.38 -18.58 15.46
N SER A 162 -12.23 -18.18 16.71
CA SER A 162 -13.24 -18.29 17.76
C SER A 162 -14.67 -17.92 17.35
N THR A 163 -14.84 -16.80 16.69
CA THR A 163 -16.19 -16.41 16.26
C THR A 163 -16.86 -17.50 15.39
N CYS A 164 -16.10 -18.12 14.49
CA CYS A 164 -16.67 -19.07 13.53
C CYS A 164 -16.31 -20.52 13.89
N GLU A 165 -15.66 -20.71 15.05
CA GLU A 165 -15.28 -22.04 15.51
C GLU A 165 -14.68 -22.82 14.34
N ARG A 166 -13.64 -22.24 13.77
CA ARG A 166 -13.03 -22.75 12.59
C ARG A 166 -11.57 -22.87 12.88
N LEU A 167 -11.02 -24.07 12.68
CA LEU A 167 -9.59 -24.29 12.74
C LEU A 167 -9.13 -24.78 11.37
N TYR A 168 -8.17 -24.07 10.76
CA TYR A 168 -7.74 -24.28 9.35
C TYR A 168 -6.58 -23.41 8.85
N TYR A 169 -5.96 -23.82 7.74
CA TYR A 169 -4.71 -23.20 7.30
C TYR A 169 -4.91 -21.88 6.54
N GLY A 170 -6.03 -21.78 5.83
CA GLY A 170 -6.46 -20.49 5.30
C GLY A 170 -6.54 -20.37 3.79
N ASP A 171 -6.84 -21.48 3.12
CA ASP A 171 -6.95 -21.56 1.65
C ASP A 171 -7.77 -20.43 1.00
N ASP A 172 -8.43 -19.62 1.84
CA ASP A 172 -9.38 -18.62 1.36
C ASP A 172 -8.73 -17.26 1.14
N GLU A 173 -7.53 -17.10 1.66
CA GLU A 173 -6.69 -15.93 1.39
C GLU A 173 -5.35 -16.39 0.82
N LYS A 174 -5.36 -17.42 0.01
CA LYS A 174 -4.19 -17.76 -0.81
C LYS A 174 -3.99 -16.74 -1.97
N TYR A 175 -5.08 -16.14 -2.44
CA TYR A 175 -5.06 -15.22 -3.58
C TYR A 175 -5.98 -14.10 -3.29
N PHE A 176 -5.73 -12.94 -3.89
CA PHE A 176 -6.71 -11.85 -3.86
C PHE A 176 -7.05 -11.45 -5.26
N ARG A 177 -8.33 -11.24 -5.49
CA ARG A 177 -8.75 -11.00 -6.83
C ARG A 177 -8.37 -9.56 -7.15
N LYS A 178 -7.89 -9.33 -8.36
CA LYS A 178 -7.50 -8.00 -8.80
C LYS A 178 -8.49 -7.45 -9.85
N PRO A 179 -9.17 -6.36 -9.53
CA PRO A 179 -10.22 -5.85 -10.36
C PRO A 179 -9.72 -5.18 -11.64
N TYR A 180 -10.54 -5.23 -12.67
CA TYR A 180 -10.22 -4.64 -13.98
C TYR A 180 -9.40 -3.34 -13.94
N ASN A 181 -9.67 -2.50 -12.96
CA ASN A 181 -9.07 -1.17 -12.98
C ASN A 181 -7.62 -1.13 -12.48
N PHE A 182 -7.09 -2.30 -12.11
CA PHE A 182 -5.75 -2.35 -11.56
C PHE A 182 -4.80 -3.04 -12.51
N LEU A 183 -3.78 -2.31 -12.93
CA LEU A 183 -2.75 -2.85 -13.79
C LEU A 183 -1.93 -3.85 -13.03
N LYS A 184 -1.39 -3.43 -11.88
CA LYS A 184 -0.60 -4.28 -11.00
C LYS A 184 -0.87 -3.97 -9.53
N TYR A 185 -0.69 -4.99 -8.71
CA TYR A 185 -0.80 -4.89 -7.29
C TYR A 185 0.18 -5.88 -6.67
N HIS A 186 1.26 -5.42 -6.06
CA HIS A 186 2.20 -6.34 -5.39
C HIS A 186 2.28 -6.08 -3.89
N PHE A 187 2.34 -7.16 -3.13
CA PHE A 187 2.57 -7.15 -1.70
C PHE A 187 4.04 -6.88 -1.37
N GLU A 188 4.27 -6.05 -0.37
CA GLU A 188 5.62 -5.97 0.20
C GLU A 188 5.77 -6.88 1.43
N ALA A 189 6.85 -7.67 1.49
CA ALA A 189 7.16 -8.45 2.68
C ALA A 189 7.35 -7.46 3.80
N LEU A 190 6.79 -7.75 4.96
CA LEU A 190 7.01 -6.80 6.06
C LEU A 190 8.46 -6.87 6.53
N ALA A 191 9.15 -5.74 6.43
CA ALA A 191 10.55 -5.66 6.87
C ALA A 191 10.75 -4.91 8.20
N ASP A 192 11.95 -5.01 8.77
CA ASP A 192 12.28 -4.43 10.08
C ASP A 192 12.11 -2.93 10.02
N THR A 193 10.87 -2.50 10.09
CA THR A 193 10.47 -1.14 9.74
C THR A 193 10.82 0.00 10.71
N GLY A 194 11.74 -0.24 11.66
CA GLY A 194 12.27 0.77 12.56
C GLY A 194 11.29 1.79 13.18
N ILE A 195 11.08 1.70 14.49
CA ILE A 195 10.19 2.67 15.15
C ILE A 195 11.00 3.76 15.80
N SER A 196 10.84 4.98 15.30
CA SER A 196 11.57 6.14 15.82
C SER A 196 10.92 6.67 17.08
N SER A 197 11.67 7.48 17.81
CA SER A 197 11.21 8.08 19.07
C SER A 197 11.69 9.52 19.28
N GLU A 198 10.77 10.46 19.41
CA GLU A 198 11.20 11.82 19.69
C GLU A 198 10.56 12.41 20.94
N PHE A 199 11.29 13.34 21.53
CA PHE A 199 10.91 13.93 22.80
C PHE A 199 10.80 15.41 22.55
N TYR A 200 9.72 15.98 23.05
CA TYR A 200 9.41 17.38 22.86
C TYR A 200 9.17 18.09 24.19
N ASP A 201 9.83 19.25 24.32
CA ASP A 201 9.70 20.18 25.42
C ASP A 201 8.25 20.54 25.75
N ASN A 202 7.50 20.96 24.72
CA ASN A 202 6.14 21.49 24.89
C ASN A 202 5.27 21.41 23.63
N ALA A 203 3.97 21.36 23.84
CA ALA A 203 2.99 21.18 22.76
C ALA A 203 3.38 21.78 21.39
N ASN A 204 3.96 22.97 21.41
CA ASN A 204 4.22 23.73 20.17
C ASN A 204 5.44 23.25 19.40
N ASP A 205 6.53 22.99 20.12
CA ASP A 205 7.71 22.32 19.55
C ASP A 205 7.35 20.99 18.91
N LEU A 206 6.38 20.29 19.50
CA LEU A 206 5.88 19.03 18.93
C LEU A 206 4.96 19.24 17.72
N LEU A 207 4.19 20.33 17.73
CA LEU A 207 3.36 20.69 16.57
C LEU A 207 4.26 20.97 15.36
N SER A 208 5.35 21.71 15.59
CA SER A 208 6.32 22.08 14.57
C SER A 208 6.68 20.94 13.62
N LYS A 209 7.13 19.82 14.19
CA LYS A 209 7.50 18.61 13.43
C LYS A 209 6.40 18.20 12.43
N VAL A 210 5.17 18.11 12.94
CA VAL A 210 4.00 17.79 12.11
C VAL A 210 3.80 18.92 11.08
N LYS A 211 3.21 20.02 11.52
CA LYS A 211 3.10 21.22 10.69
C LYS A 211 4.44 21.95 10.67
N SER A 244 -7.22 17.69 13.01
CA SER A 244 -7.17 18.55 14.19
C SER A 244 -7.31 17.82 15.53
N PHE A 245 -6.32 16.96 15.80
CA PHE A 245 -6.00 16.51 17.14
C PHE A 245 -5.15 17.60 17.84
N LEU A 246 -4.77 18.63 17.07
CA LEU A 246 -4.16 19.85 17.57
C LEU A 246 -5.12 20.53 18.54
N ASN A 247 -6.40 20.39 18.24
CA ASN A 247 -7.45 20.79 19.13
C ASN A 247 -7.44 19.89 20.37
N GLU A 248 -7.48 18.58 20.16
CA GLU A 248 -7.49 17.62 21.29
C GLU A 248 -6.16 17.60 22.03
N LEU A 249 -5.45 18.72 21.99
CA LEU A 249 -4.09 18.82 22.48
C LEU A 249 -3.83 20.18 23.09
N ASN A 250 -4.55 21.19 22.61
CA ASN A 250 -4.53 22.51 23.23
C ASN A 250 -5.21 22.44 24.61
N LYS A 251 -5.17 21.25 25.21
CA LYS A 251 -5.60 21.02 26.59
C LYS A 251 -4.40 20.83 27.53
N TYR A 252 -3.19 20.86 26.95
CA TYR A 252 -1.98 20.36 27.61
C TYR A 252 -0.73 21.21 27.34
N ASN A 253 -0.93 22.42 26.84
CA ASN A 253 0.15 23.36 26.53
C ASN A 253 0.81 23.93 27.81
N GLU A 254 0.06 23.88 28.90
CA GLU A 254 0.54 24.11 30.24
C GLU A 254 1.95 23.54 30.39
N LYS A 255 2.94 24.41 30.62
CA LYS A 255 4.36 23.99 30.60
C LYS A 255 4.77 22.96 31.68
N LYS A 256 3.78 22.42 32.38
CA LYS A 256 3.97 21.30 33.29
C LYS A 256 3.91 19.96 32.54
N PHE A 257 3.64 20.04 31.24
CA PHE A 257 3.51 18.85 30.41
C PHE A 257 4.65 18.71 29.40
N ILE A 258 5.38 17.61 29.53
CA ILE A 258 6.27 17.21 28.46
C ILE A 258 5.51 16.22 27.57
N PHE A 259 6.15 15.77 26.48
CA PHE A 259 5.52 14.95 25.41
C PHE A 259 6.54 14.09 24.72
N THR A 260 6.13 12.86 24.39
CA THR A 260 6.91 12.05 23.44
C THR A 260 6.00 11.47 22.35
N ARG A 261 6.60 10.99 21.26
CA ARG A 261 5.83 10.30 20.25
C ARG A 261 6.48 9.07 19.68
N ILE A 262 5.62 8.13 19.34
CA ILE A 262 5.99 6.87 18.71
C ILE A 262 5.51 6.90 17.25
N PHE A 263 6.44 6.83 16.31
CA PHE A 263 6.04 6.90 14.90
C PHE A 263 6.63 5.81 14.08
N THR A 264 5.77 5.16 13.31
CA THR A 264 6.26 4.43 12.14
C THR A 264 5.27 4.42 11.00
N LYS A 265 5.84 4.31 9.79
CA LYS A 265 5.14 4.13 8.52
C LYS A 265 5.49 2.76 7.96
N VAL A 266 4.53 2.10 7.31
CA VAL A 266 4.71 0.76 6.79
C VAL A 266 4.04 0.68 5.46
N GLN A 267 4.72 0.06 4.48
CA GLN A 267 4.10 -0.27 3.17
C GLN A 267 3.79 -1.75 3.10
N THR A 268 2.57 -2.10 2.73
CA THR A 268 2.25 -3.50 2.51
C THR A 268 2.00 -3.87 1.05
N ALA A 269 1.95 -2.87 0.17
CA ALA A 269 1.61 -3.14 -1.23
C ALA A 269 1.89 -1.95 -2.12
N HIS A 270 2.35 -2.21 -3.33
CA HIS A 270 2.42 -1.21 -4.36
C HIS A 270 1.42 -1.52 -5.44
N PHE A 271 0.84 -0.48 -6.04
CA PHE A 271 -0.23 -0.70 -6.99
C PHE A 271 -0.23 0.33 -8.08
N LYS A 272 -0.72 -0.05 -9.24
CA LYS A 272 -0.76 0.81 -10.40
C LYS A 272 -2.15 0.70 -11.03
N MET A 273 -2.81 1.85 -11.22
CA MET A 273 -4.13 1.93 -11.90
C MET A 273 -4.00 1.87 -13.44
N ARG A 274 -5.04 1.37 -14.12
CA ARG A 274 -4.99 1.23 -15.59
C ARG A 274 -5.14 2.61 -16.22
N LYS A 275 -4.52 2.78 -17.37
CA LYS A 275 -4.51 4.08 -18.05
C LYS A 275 -5.56 4.23 -19.13
N ASP A 276 -5.89 3.18 -19.88
CA ASP A 276 -6.92 3.36 -20.89
C ASP A 276 -8.05 2.34 -20.66
N ASP A 277 -9.24 2.67 -21.16
CA ASP A 277 -10.43 1.86 -20.98
C ASP A 277 -10.66 1.72 -19.49
N ILE A 278 -10.72 2.85 -18.83
CA ILE A 278 -11.03 2.86 -17.42
C ILE A 278 -12.54 2.73 -17.24
N MET A 279 -12.99 1.80 -16.39
CA MET A 279 -14.41 1.73 -16.09
C MET A 279 -14.74 2.57 -14.84
N LEU A 280 -15.57 3.59 -15.01
CA LEU A 280 -15.85 4.55 -13.93
C LEU A 280 -16.90 4.00 -13.07
N ASP A 281 -16.93 4.45 -11.82
CA ASP A 281 -17.97 4.08 -10.89
C ASP A 281 -19.26 4.56 -11.49
N GLU A 282 -20.26 3.70 -11.46
CA GLU A 282 -21.53 4.00 -12.08
C GLU A 282 -22.12 5.30 -11.57
N GLY A 283 -22.00 5.56 -10.26
CA GLY A 283 -22.41 6.86 -9.70
C GLY A 283 -21.73 8.01 -10.39
N MET A 284 -20.43 7.91 -10.56
CA MET A 284 -19.72 8.96 -11.25
C MET A 284 -20.25 9.05 -12.65
N LEU A 285 -20.37 7.91 -13.33
CA LEU A 285 -20.94 7.90 -14.69
C LEU A 285 -22.25 8.70 -14.75
N GLN A 286 -23.15 8.52 -13.76
CA GLN A 286 -24.40 9.32 -13.75
C GLN A 286 -24.14 10.82 -13.79
N SER A 287 -23.54 11.33 -12.71
CA SER A 287 -23.07 12.72 -12.62
C SER A 287 -22.40 13.21 -13.87
N LEU A 288 -21.46 12.42 -14.37
CA LEU A 288 -20.71 12.85 -15.53
C LEU A 288 -21.64 13.04 -16.76
N MET A 289 -22.52 12.09 -17.02
CA MET A 289 -23.57 12.30 -18.03
C MET A 289 -24.49 13.52 -17.78
N GLU A 290 -24.89 13.73 -16.53
CA GLU A 290 -25.79 14.82 -16.18
C GLU A 290 -25.13 16.19 -16.26
N LEU A 291 -24.13 16.35 -17.11
CA LEU A 291 -23.40 17.60 -17.17
C LEU A 291 -23.69 18.28 -18.49
N PRO A 292 -23.95 19.60 -18.46
CA PRO A 292 -24.32 20.26 -19.67
C PRO A 292 -23.06 20.54 -20.43
N ASP A 293 -23.14 20.51 -21.75
CA ASP A 293 -22.03 20.79 -22.66
C ASP A 293 -21.75 22.28 -22.74
N GLN A 294 -22.75 23.09 -22.42
CA GLN A 294 -22.54 24.51 -22.30
C GLN A 294 -21.92 24.73 -20.90
N TYR A 295 -20.76 25.40 -20.86
CA TYR A 295 -20.10 25.69 -19.60
C TYR A 295 -21.07 26.21 -18.57
N ASN A 296 -21.07 25.57 -17.43
CA ASN A 296 -21.73 26.09 -16.25
C ASN A 296 -20.83 25.79 -15.02
N TYR A 297 -20.23 26.83 -14.47
CA TYR A 297 -19.34 26.70 -13.32
C TYR A 297 -19.97 25.88 -12.18
N GLY A 298 -21.10 26.31 -11.66
CA GLY A 298 -21.73 25.61 -10.54
C GLY A 298 -21.91 24.11 -10.73
N MET A 299 -22.26 23.66 -11.94
CA MET A 299 -22.45 22.23 -12.22
C MET A 299 -21.16 21.51 -12.00
N TYR A 300 -20.14 22.05 -12.65
CA TYR A 300 -18.85 21.46 -12.69
C TYR A 300 -18.12 21.52 -11.34
N ALA A 301 -18.28 22.65 -10.60
CA ALA A 301 -17.76 22.75 -9.23
C ALA A 301 -18.36 21.72 -8.29
N LYS A 302 -19.67 21.57 -8.36
CA LYS A 302 -20.42 20.57 -7.63
C LYS A 302 -19.84 19.17 -7.95
N PHE A 303 -19.40 18.98 -9.17
CA PHE A 303 -18.93 17.70 -9.62
C PHE A 303 -17.59 17.46 -8.96
N ILE A 304 -16.69 18.41 -9.17
CA ILE A 304 -15.39 18.42 -8.53
C ILE A 304 -15.59 18.17 -7.05
N ASN A 305 -16.48 18.93 -6.44
CA ASN A 305 -16.75 18.76 -5.05
C ASN A 305 -17.10 17.35 -4.74
N ASP A 306 -17.87 16.68 -5.59
CA ASP A 306 -18.22 15.32 -5.26
C ASP A 306 -17.15 14.33 -5.59
N TYR A 307 -16.39 14.55 -6.66
CA TYR A 307 -15.51 13.46 -7.11
C TYR A 307 -14.03 13.71 -6.96
N GLY A 308 -13.65 14.89 -6.48
CA GLY A 308 -12.27 15.20 -6.25
C GLY A 308 -11.77 16.19 -7.27
N THR A 309 -10.65 16.81 -6.92
CA THR A 309 -9.90 17.61 -7.85
C THR A 309 -9.00 16.66 -8.63
N HIS A 310 -8.75 15.49 -8.07
CA HIS A 310 -7.80 14.56 -8.65
C HIS A 310 -8.27 13.17 -8.37
N TYR A 311 -7.60 12.21 -9.00
CA TYR A 311 -7.87 10.80 -8.82
C TYR A 311 -6.50 10.18 -8.80
N ILE A 312 -6.38 8.97 -8.33
CA ILE A 312 -5.09 8.36 -8.13
C ILE A 312 -4.75 7.47 -9.31
N THR A 313 -3.51 7.58 -9.80
CA THR A 313 -3.09 6.77 -10.91
C THR A 313 -2.29 5.61 -10.41
N SER A 314 -1.88 5.69 -9.12
CA SER A 314 -1.13 4.63 -8.46
C SER A 314 -0.56 5.05 -7.08
N GLY A 315 -0.01 4.06 -6.35
CA GLY A 315 0.63 4.33 -5.09
C GLY A 315 1.02 3.15 -4.25
N SER A 316 1.09 3.40 -2.94
CA SER A 316 1.34 2.36 -1.98
C SER A 316 0.23 2.27 -0.95
N MET A 317 -0.01 1.02 -0.55
CA MET A 317 -0.89 0.67 0.54
C MET A 317 -0.09 0.48 1.86
N GLY A 318 -0.68 0.80 2.98
CA GLY A 318 -0.02 0.53 4.23
C GLY A 318 -0.68 1.31 5.34
N GLY A 319 0.13 1.78 6.29
CA GLY A 319 -0.39 2.59 7.37
C GLY A 319 0.63 3.17 8.32
N ILE A 320 0.08 3.76 9.36
CA ILE A 320 0.91 4.45 10.34
C ILE A 320 0.50 4.00 11.73
N TYR A 321 1.51 3.69 12.52
CA TYR A 321 1.32 3.33 13.91
C TYR A 321 1.96 4.53 14.61
N GLU A 322 1.10 5.38 15.14
CA GLU A 322 1.53 6.62 15.77
C GLU A 322 0.86 6.89 17.10
N TYR A 323 1.69 7.23 18.08
CA TYR A 323 1.22 7.53 19.42
C TYR A 323 1.90 8.74 19.93
N ILE A 324 1.11 9.65 20.52
CA ILE A 324 1.69 10.66 21.41
C ILE A 324 1.50 10.34 22.92
N LEU A 325 2.57 10.45 23.69
CA LEU A 325 2.47 10.37 25.14
C LEU A 325 2.48 11.76 25.78
N VAL A 326 1.38 12.12 26.43
CA VAL A 326 1.33 13.32 27.26
C VAL A 326 1.73 12.99 28.74
N ILE A 327 2.75 13.69 29.26
CA ILE A 327 3.37 13.41 30.58
C ILE A 327 3.31 14.61 31.55
N ASP A 328 2.91 14.34 32.81
CA ASP A 328 3.06 15.29 33.95
C ASP A 328 4.54 15.41 34.30
N LYS A 329 5.08 16.61 34.17
CA LYS A 329 6.51 16.81 34.37
C LYS A 329 6.95 16.53 35.82
N ALA A 330 6.35 17.22 36.79
CA ALA A 330 6.74 17.08 38.20
C ALA A 330 6.59 15.65 38.71
N LYS A 331 5.43 15.05 38.44
CA LYS A 331 5.14 13.64 38.76
C LYS A 331 6.18 12.66 38.17
N MET A 332 6.70 12.99 36.98
CA MET A 332 7.74 12.22 36.34
C MET A 332 8.99 12.23 37.21
N GLU A 333 9.44 13.43 37.55
CA GLU A 333 10.64 13.62 38.34
C GLU A 333 10.55 12.97 39.73
N SER A 334 9.36 13.06 40.34
CA SER A 334 9.05 12.48 41.65
C SER A 334 9.20 10.95 41.74
N LEU A 335 8.96 10.26 40.64
CA LEU A 335 9.09 8.80 40.59
C LEU A 335 10.55 8.47 40.29
N GLY A 336 11.35 9.53 40.10
CA GLY A 336 12.78 9.42 39.85
C GLY A 336 13.10 9.11 38.40
N ILE A 337 12.13 9.37 37.52
CA ILE A 337 12.07 8.76 36.21
C ILE A 337 12.24 9.77 35.07
N THR A 338 12.57 9.32 33.87
CA THR A 338 12.62 10.22 32.72
C THR A 338 11.54 9.95 31.66
N SER A 339 11.48 10.83 30.66
CA SER A 339 10.55 10.66 29.56
C SER A 339 10.97 9.42 28.81
N ARG A 340 12.27 9.24 28.66
CA ARG A 340 12.83 8.09 27.96
C ARG A 340 12.41 6.79 28.62
N ASP A 341 12.49 6.75 29.95
CA ASP A 341 12.04 5.62 30.75
C ASP A 341 10.57 5.26 30.52
N ILE A 342 9.71 6.27 30.43
CA ILE A 342 8.26 6.06 30.22
C ILE A 342 7.93 5.59 28.80
N THR A 343 8.72 6.06 27.86
CA THR A 343 8.61 5.63 26.51
C THR A 343 9.03 4.16 26.44
N THR A 344 10.11 3.83 27.16
CA THR A 344 10.63 2.48 27.20
C THR A 344 9.66 1.43 27.76
N CYS A 345 8.92 1.77 28.82
CA CYS A 345 7.95 0.80 29.41
C CYS A 345 6.69 0.73 28.53
N PHE A 346 6.31 1.88 28.00
CA PHE A 346 5.21 2.00 27.05
C PHE A 346 5.44 1.12 25.82
N GLY A 347 6.66 1.14 25.27
CA GLY A 347 7.05 0.28 24.16
C GLY A 347 6.95 -1.23 24.37
N GLY A 348 7.21 -1.70 25.59
CA GLY A 348 7.07 -3.13 25.92
C GLY A 348 5.65 -3.61 26.16
N SER A 349 4.75 -2.66 26.40
CA SER A 349 3.33 -2.92 26.53
C SER A 349 2.72 -2.89 25.12
N LEU A 350 3.60 -2.80 24.13
CA LEU A 350 3.25 -2.87 22.73
C LEU A 350 4.08 -3.95 22.02
N GLY A 351 5.29 -4.20 22.54
CA GLY A 351 6.20 -5.22 22.03
C GLY A 351 7.26 -4.68 21.09
N ILE A 352 7.65 -3.43 21.31
CA ILE A 352 8.51 -2.71 20.35
C ILE A 352 9.86 -2.26 20.93
N GLN A 353 10.75 -1.85 20.04
CA GLN A 353 12.13 -1.56 20.35
C GLN A 353 12.63 -0.53 19.32
N TYR A 354 13.72 0.18 19.66
CA TYR A 354 14.24 1.29 18.83
C TYR A 354 15.64 1.03 18.29
N HIS A 368 7.16 2.90 38.84
CA HIS A 368 7.97 2.44 37.73
C HIS A 368 7.09 1.65 36.75
N CYS A 369 6.23 0.83 37.32
CA CYS A 369 5.45 -0.14 36.56
C CYS A 369 4.67 -1.03 37.53
N LYS A 370 4.67 -0.62 38.80
CA LYS A 370 3.96 -1.31 39.86
C LYS A 370 2.46 -1.01 39.79
N LYS A 371 2.02 -0.55 38.62
CA LYS A 371 0.60 -0.35 38.29
C LYS A 371 0.43 -0.11 36.77
N PHE A 372 1.53 0.28 36.11
CA PHE A 372 1.51 0.52 34.65
C PHE A 372 1.05 -0.73 33.89
N GLY A 373 1.87 -1.78 33.92
CA GLY A 373 1.58 -3.06 33.27
C GLY A 373 1.36 -2.94 31.77
N GLY A 374 0.09 -2.86 31.39
CA GLY A 374 -0.29 -2.57 30.01
C GLY A 374 -0.60 -1.10 29.75
N GLY A 375 -0.89 -0.34 30.81
CA GLY A 375 -1.26 1.05 30.68
C GLY A 375 -2.68 1.13 30.18
N LYS A 376 -3.53 0.32 30.79
CA LYS A 376 -4.87 -0.01 30.29
C LYS A 376 -6.03 0.82 30.90
N THR A 377 -5.71 1.63 31.91
CA THR A 377 -6.70 2.51 32.57
C THR A 377 -6.11 3.88 32.88
N GLU A 378 -7.00 4.86 33.11
CA GLU A 378 -6.61 6.21 33.54
C GLU A 378 -5.78 6.14 34.83
N ARG A 379 -6.26 5.35 35.78
CA ARG A 379 -5.55 5.09 37.05
C ARG A 379 -4.12 4.58 36.86
N ALA A 380 -3.96 3.55 36.01
CA ALA A 380 -2.64 2.99 35.67
C ALA A 380 -1.80 3.95 34.85
N ARG A 381 -2.47 4.61 33.90
CA ARG A 381 -1.85 5.64 33.09
C ARG A 381 -1.21 6.66 34.01
N LYS A 382 -2.06 7.35 34.77
CA LYS A 382 -1.65 8.40 35.71
C LYS A 382 -0.45 7.91 36.46
N ALA A 383 -0.67 6.88 37.27
CA ALA A 383 0.35 6.22 38.09
C ALA A 383 1.75 6.40 37.58
N MET A 384 2.00 5.98 36.34
CA MET A 384 3.34 6.03 35.78
C MET A 384 3.63 7.39 35.11
N ALA A 385 2.91 8.43 35.56
CA ALA A 385 3.09 9.85 35.13
C ALA A 385 2.43 10.24 33.79
N VAL A 386 1.67 9.33 33.20
CA VAL A 386 1.08 9.52 31.87
C VAL A 386 -0.33 10.15 31.96
N GLU A 387 -0.47 11.39 31.50
CA GLU A 387 -1.78 12.07 31.55
C GLU A 387 -2.77 11.59 30.50
N ASP A 388 -2.27 11.38 29.27
CA ASP A 388 -3.07 10.86 28.16
C ASP A 388 -2.19 10.30 27.04
N ILE A 389 -2.74 9.36 26.27
CA ILE A 389 -2.11 8.88 25.05
C ILE A 389 -3.04 9.14 23.90
N ILE A 390 -2.46 9.65 22.81
CA ILE A 390 -3.17 9.94 21.58
C ILE A 390 -2.80 9.00 20.44
N SER A 391 -3.83 8.39 19.86
CA SER A 391 -3.69 7.39 18.81
C SER A 391 -3.83 8.09 17.47
N ARG A 392 -2.74 8.05 16.71
CA ARG A 392 -2.70 8.58 15.36
C ARG A 392 -2.75 7.44 14.33
N VAL A 393 -2.95 6.20 14.83
CA VAL A 393 -2.96 5.01 14.00
C VAL A 393 -3.88 5.09 12.77
N ARG A 394 -3.26 4.91 11.60
CA ARG A 394 -3.98 4.89 10.34
C ARG A 394 -3.76 3.53 9.71
N GLY A 395 -4.83 2.84 9.42
CA GLY A 395 -4.75 1.51 8.81
C GLY A 395 -4.68 0.48 9.91
N GLY A 396 -5.05 -0.75 9.57
CA GLY A 396 -5.21 -1.82 10.56
C GLY A 396 -6.69 -1.84 10.80
N SER A 397 -7.24 -2.99 11.18
CA SER A 397 -8.70 -3.05 11.43
C SER A 397 -9.13 -2.16 12.61
N ARG A 408 -11.11 5.15 18.83
CA ARG A 408 -9.66 5.11 19.07
C ARG A 408 -9.26 4.76 20.51
N SER A 409 -8.31 3.82 20.63
CA SER A 409 -7.70 3.41 21.92
C SER A 409 -6.20 2.98 21.72
N THR A 410 -5.85 1.74 22.09
CA THR A 410 -4.44 1.28 22.03
C THR A 410 -4.36 -0.16 21.52
N ILE A 411 -3.43 -0.41 20.58
CA ILE A 411 -3.28 -1.74 19.98
C ILE A 411 -1.80 -2.05 19.84
N THR A 412 -1.39 -3.29 20.05
CA THR A 412 0.05 -3.63 19.97
C THR A 412 0.60 -3.59 18.54
N TYR A 413 1.91 -3.72 18.42
CA TYR A 413 2.54 -3.56 17.14
C TYR A 413 2.47 -4.88 16.36
N ARG A 414 2.88 -5.96 17.01
CA ARG A 414 2.72 -7.28 16.47
C ARG A 414 1.27 -7.45 15.98
N SER A 415 0.30 -6.92 16.72
CA SER A 415 -1.11 -7.07 16.34
C SER A 415 -1.51 -6.23 15.14
N TRP A 416 -1.19 -4.94 15.19
CA TRP A 416 -1.52 -4.03 14.11
C TRP A 416 -0.85 -4.41 12.80
N GLY A 417 0.36 -4.94 12.91
CA GLY A 417 1.16 -5.34 11.78
C GLY A 417 0.69 -6.64 11.15
N ARG A 418 -0.06 -7.48 11.89
CA ARG A 418 -0.60 -8.72 11.31
C ARG A 418 -1.91 -8.45 10.56
N SER A 419 -2.54 -7.30 10.81
CA SER A 419 -3.83 -7.01 10.20
C SER A 419 -3.75 -5.97 9.08
N LEU A 420 -2.64 -5.21 9.05
CA LEU A 420 -2.55 -4.05 8.16
C LEU A 420 -2.64 -4.45 6.68
N LYS A 421 -1.83 -5.42 6.30
CA LYS A 421 -1.91 -6.02 4.98
C LYS A 421 -3.36 -6.13 4.55
N TYR A 422 -4.24 -6.51 5.49
CA TYR A 422 -5.59 -6.81 5.11
C TYR A 422 -6.51 -5.63 5.14
N ASN A 423 -6.17 -4.60 5.88
CA ASN A 423 -6.99 -3.38 5.82
C ASN A 423 -6.18 -2.07 5.79
N PRO A 424 -5.38 -1.83 4.72
CA PRO A 424 -4.47 -0.67 4.64
C PRO A 424 -5.16 0.58 4.21
N VAL A 425 -4.51 1.72 4.38
CA VAL A 425 -4.90 2.97 3.76
C VAL A 425 -3.91 3.19 2.63
N VAL A 426 -4.20 4.19 1.79
CA VAL A 426 -3.30 4.68 0.76
C VAL A 426 -2.32 5.65 1.37
N ILE A 427 -1.13 5.17 1.73
CA ILE A 427 -0.13 6.05 2.35
C ILE A 427 0.61 6.98 1.38
N ASP A 428 0.92 6.50 0.18
CA ASP A 428 1.63 7.33 -0.77
C ASP A 428 0.92 7.23 -2.12
N PHE A 429 0.99 8.25 -2.96
CA PHE A 429 0.29 8.14 -4.25
C PHE A 429 0.59 9.19 -5.27
N GLU A 430 0.75 8.79 -6.52
CA GLU A 430 0.62 9.72 -7.64
C GLU A 430 -0.84 10.00 -7.98
N MET A 431 -1.09 11.18 -8.55
CA MET A 431 -2.41 11.58 -8.93
C MET A 431 -2.48 12.64 -10.03
N GLN A 432 -3.64 12.77 -10.65
CA GLN A 432 -3.81 13.63 -11.82
C GLN A 432 -5.14 14.29 -11.74
N PRO A 433 -5.29 15.46 -12.39
CA PRO A 433 -6.50 16.26 -12.25
C PRO A 433 -7.68 15.44 -12.66
N ILE A 434 -8.83 15.74 -12.07
CA ILE A 434 -10.01 14.92 -12.29
C ILE A 434 -10.31 14.85 -13.77
N HIS A 435 -10.11 15.96 -14.47
CA HIS A 435 -10.48 16.05 -15.87
C HIS A 435 -9.59 15.16 -16.78
N GLU A 436 -8.42 14.76 -16.32
CA GLU A 436 -7.56 13.93 -17.19
C GLU A 436 -8.05 12.50 -17.28
N VAL A 437 -9.04 12.14 -16.48
CA VAL A 437 -9.59 10.80 -16.53
C VAL A 437 -10.56 10.64 -17.67
N LEU A 438 -11.23 11.74 -18.05
CA LEU A 438 -12.18 11.70 -19.19
C LEU A 438 -11.56 11.23 -20.50
N ARG A 439 -10.40 11.75 -20.87
CA ARG A 439 -9.69 11.18 -22.01
C ARG A 439 -9.49 9.66 -21.90
N HIS A 440 -9.48 9.09 -20.69
CA HIS A 440 -8.99 7.71 -20.51
C HIS A 440 -10.03 6.64 -20.30
N THR A 441 -11.26 6.90 -20.71
CA THR A 441 -12.41 6.04 -20.40
C THR A 441 -12.96 5.34 -21.61
N SER A 442 -13.79 4.33 -21.37
CA SER A 442 -14.42 3.60 -22.47
C SER A 442 -15.44 4.44 -23.28
N LEU A 443 -16.12 5.37 -22.60
CA LEU A 443 -17.09 6.29 -23.22
C LEU A 443 -16.45 7.16 -24.30
N GLY A 444 -15.14 7.03 -24.43
CA GLY A 444 -14.40 7.66 -25.52
C GLY A 444 -14.22 9.16 -25.45
N PRO A 445 -14.52 9.87 -26.54
CA PRO A 445 -14.27 11.30 -26.45
C PRO A 445 -15.31 11.92 -25.51
N LEU A 446 -15.02 13.11 -24.98
CA LEU A 446 -15.89 13.91 -24.12
C LEU A 446 -15.27 15.32 -24.01
N GLU A 447 -14.76 15.82 -25.15
CA GLU A 447 -13.93 17.00 -25.14
C GLU A 447 -14.56 18.28 -24.59
N ALA A 448 -15.82 18.55 -24.90
CA ALA A 448 -16.49 19.69 -24.31
C ALA A 448 -16.41 19.49 -22.79
N LYS A 449 -16.96 18.36 -22.32
CA LYS A 449 -17.01 18.04 -20.91
C LYS A 449 -15.67 18.23 -20.26
N ARG A 450 -14.60 17.82 -20.92
CA ARG A 450 -13.27 17.90 -20.33
C ARG A 450 -12.69 19.31 -20.26
N GLN A 451 -12.86 20.12 -21.30
CA GLN A 451 -12.36 21.50 -21.26
C GLN A 451 -13.11 22.28 -20.18
N ASN A 452 -14.42 22.05 -20.11
CA ASN A 452 -15.28 22.59 -19.08
C ASN A 452 -14.76 22.27 -17.67
N LEU A 453 -14.43 21.00 -17.46
CA LEU A 453 -13.96 20.52 -16.21
C LEU A 453 -12.54 21.06 -15.90
N ARG A 454 -11.73 21.26 -16.93
CA ARG A 454 -10.41 21.87 -16.72
C ARG A 454 -10.62 23.33 -16.33
N ARG A 455 -11.43 24.00 -17.12
CA ARG A 455 -11.77 25.38 -16.88
C ARG A 455 -12.22 25.58 -15.45
N ALA A 456 -13.10 24.71 -14.95
CA ALA A 456 -13.70 24.95 -13.65
C ALA A 456 -12.71 24.60 -12.55
N LEU A 457 -11.87 23.62 -12.80
CA LEU A 457 -10.92 23.23 -11.80
C LEU A 457 -9.95 24.39 -11.48
N ASP A 458 -9.53 25.13 -12.50
CA ASP A 458 -8.59 26.21 -12.29
C ASP A 458 -9.30 27.36 -11.58
N GLN A 459 -10.60 27.50 -11.81
CA GLN A 459 -11.39 28.53 -11.12
C GLN A 459 -11.51 28.07 -9.67
N TYR A 460 -12.07 26.91 -9.47
CA TYR A 460 -12.22 26.28 -8.16
C TYR A 460 -10.91 26.25 -7.35
N LEU A 461 -9.78 25.93 -7.97
CA LEU A 461 -8.54 25.88 -7.21
C LEU A 461 -7.99 27.26 -6.89
N MET A 462 -8.68 28.32 -7.30
CA MET A 462 -8.25 29.65 -6.94
C MET A 462 -9.24 30.21 -5.95
N GLU A 463 -10.50 30.01 -6.26
CA GLU A 463 -11.57 30.48 -5.44
C GLU A 463 -11.44 30.06 -3.98
N PHE A 464 -11.01 28.83 -3.77
CA PHE A 464 -11.04 28.26 -2.43
C PHE A 464 -9.66 28.01 -1.81
N ASN A 465 -8.64 28.68 -2.31
CA ASN A 465 -7.28 28.50 -1.81
C ASN A 465 -7.05 29.35 -0.57
N ALA A 466 -6.30 28.83 0.43
CA ALA A 466 -6.21 29.50 1.74
C ALA A 466 -5.30 30.71 1.78
N CYS A 467 -4.46 30.87 0.77
CA CYS A 467 -3.72 32.11 0.54
C CYS A 467 -4.64 33.33 0.59
N ARG A 468 -5.91 33.14 0.23
CA ARG A 468 -6.89 34.20 0.32
C ARG A 468 -7.18 34.56 1.75
N CYS A 469 -6.51 33.89 2.69
CA CYS A 469 -6.75 34.16 4.11
C CYS A 469 -5.82 35.23 4.77
N GLY A 470 -5.61 36.32 4.03
CA GLY A 470 -4.96 37.54 4.52
C GLY A 470 -3.46 37.41 4.65
N PRO A 471 -2.93 37.88 5.79
CA PRO A 471 -1.67 37.34 6.26
C PRO A 471 -1.88 36.68 7.62
N CYS A 472 -1.19 35.57 7.87
CA CYS A 472 -1.10 35.08 9.25
C CYS A 472 0.31 35.06 9.90
N PHE A 473 0.60 36.18 10.59
CA PHE A 473 1.86 36.46 11.29
C PHE A 473 2.24 35.36 12.25
N ASN A 474 3.52 35.35 12.66
CA ASN A 474 4.02 34.38 13.65
C ASN A 474 4.28 32.97 13.08
N ASN A 475 4.71 32.87 11.83
CA ASN A 475 4.60 31.61 11.05
C ASN A 475 3.30 30.97 11.45
N GLY A 476 2.20 31.69 11.26
CA GLY A 476 0.86 31.18 11.56
C GLY A 476 0.22 30.67 10.28
N VAL A 477 -0.55 29.59 10.41
CA VAL A 477 -1.19 28.92 9.27
C VAL A 477 -2.57 29.54 9.04
N PRO A 478 -2.80 30.06 7.82
CA PRO A 478 -4.11 30.57 7.39
C PRO A 478 -5.01 29.43 6.98
N ILE A 479 -6.26 29.46 7.44
CA ILE A 479 -7.18 28.42 7.07
C ILE A 479 -8.52 28.92 6.60
N LEU A 480 -8.86 28.53 5.37
CA LEU A 480 -10.15 28.80 4.76
C LEU A 480 -11.13 27.69 5.11
N GLU A 481 -12.27 28.10 5.69
CA GLU A 481 -13.35 27.17 6.02
C GLU A 481 -14.67 27.76 5.61
N GLY A 482 -15.43 26.99 4.84
CA GLY A 482 -16.72 27.48 4.31
C GLY A 482 -16.38 28.78 3.60
N THR A 483 -16.92 29.88 4.09
CA THR A 483 -16.59 31.16 3.47
C THR A 483 -15.83 32.09 4.42
N SER A 484 -15.46 31.55 5.59
CA SER A 484 -14.69 32.29 6.59
C SER A 484 -13.23 31.86 6.66
N CYS A 485 -12.34 32.84 6.69
CA CYS A 485 -10.90 32.65 6.98
C CYS A 485 -10.61 32.73 8.48
N ARG A 486 -9.84 31.79 9.00
CA ARG A 486 -9.41 31.85 10.39
C ARG A 486 -7.88 31.80 10.46
N CYS A 487 -7.33 31.64 11.67
CA CYS A 487 -5.90 31.30 11.83
C CYS A 487 -5.56 30.38 12.97
N GLN A 488 -4.74 29.37 12.68
CA GLN A 488 -4.34 28.41 13.68
C GLN A 488 -2.91 28.62 14.11
N CYS A 489 -2.54 29.86 14.39
CA CYS A 489 -1.25 30.11 15.01
C CYS A 489 -1.31 29.81 16.52
N ARG A 490 -0.69 28.69 16.92
CA ARG A 490 -0.70 28.20 18.33
C ARG A 490 -0.23 29.21 19.38
N LEU A 491 -0.80 29.08 20.58
CA LEU A 491 -0.82 30.13 21.60
C LEU A 491 0.57 30.68 22.01
N GLY A 492 0.89 31.87 21.47
CA GLY A 492 2.23 32.49 21.57
C GLY A 492 2.22 33.92 21.02
N SER A 493 1.25 34.20 20.14
CA SER A 493 0.78 35.55 19.87
C SER A 493 -0.71 35.47 19.94
N LEU A 494 -1.38 36.62 20.03
CA LEU A 494 -2.81 36.56 20.34
C LEU A 494 -3.79 37.23 19.36
N GLY A 495 -3.31 38.14 18.51
CA GLY A 495 -4.22 38.81 17.56
C GLY A 495 -5.00 37.89 16.61
N ALA A 496 -6.00 38.44 15.92
CA ALA A 496 -6.77 37.68 14.93
C ALA A 496 -5.86 37.21 13.79
N ALA A 497 -4.79 37.96 13.56
CA ALA A 497 -3.70 37.53 12.67
C ALA A 497 -2.43 37.20 13.46
N CYS A 498 -2.56 37.17 14.79
CA CYS A 498 -1.48 36.87 15.74
C CYS A 498 -0.43 37.97 15.84
N GLU A 499 -0.38 38.66 17.00
CA GLU A 499 0.60 39.73 17.24
C GLU A 499 1.47 39.53 18.49
N ALA A 506 10.39 36.28 18.43
CA ALA A 506 10.95 37.34 17.60
C ALA A 506 11.19 36.92 16.13
N LYS A 507 11.34 35.62 15.88
CA LYS A 507 11.74 35.10 14.54
C LYS A 507 10.70 35.34 13.45
N ALA A 508 11.19 35.77 12.28
CA ALA A 508 10.38 36.36 11.20
C ALA A 508 9.39 35.40 10.47
N ASP A 509 8.79 35.86 9.38
CA ASP A 509 7.61 35.19 8.81
C ASP A 509 7.75 34.65 7.37
N GLY A 510 7.44 35.47 6.36
CA GLY A 510 7.49 35.08 4.95
C GLY A 510 6.28 34.23 4.60
N SER A 511 5.61 34.58 3.51
CA SER A 511 4.49 33.80 2.99
C SER A 511 3.95 34.48 1.76
N TRP A 512 3.73 33.72 0.71
CA TRP A 512 3.34 34.25 -0.59
C TRP A 512 1.91 34.79 -0.56
N SER A 513 1.71 35.96 -1.15
CA SER A 513 0.38 36.49 -1.47
C SER A 513 -0.24 35.62 -2.56
N CYS A 514 -1.55 35.70 -2.76
CA CYS A 514 -2.21 34.91 -3.80
C CYS A 514 -1.65 35.23 -5.20
N TRP A 515 -1.77 34.29 -6.12
CA TRP A 515 -1.45 34.54 -7.50
C TRP A 515 -2.41 35.63 -7.88
N SER A 516 -1.90 36.68 -8.49
CA SER A 516 -2.78 37.68 -9.07
C SER A 516 -3.46 37.14 -10.34
N SER A 517 -4.33 37.97 -10.92
CA SER A 517 -5.04 37.63 -12.15
C SER A 517 -4.13 37.63 -13.38
N TRP A 518 -4.45 36.76 -14.34
CA TRP A 518 -3.74 36.74 -15.63
C TRP A 518 -3.76 38.12 -16.28
N SER A 519 -2.57 38.73 -16.34
CA SER A 519 -2.33 40.03 -16.99
C SER A 519 -2.50 39.95 -18.52
N VAL A 520 -3.42 40.76 -19.07
CA VAL A 520 -3.92 40.52 -20.42
C VAL A 520 -2.86 40.74 -21.50
N CYS A 521 -3.00 39.97 -22.60
CA CYS A 521 -1.92 39.62 -23.53
C CYS A 521 -0.97 40.69 -24.06
N ARG A 522 0.33 40.43 -23.86
CA ARG A 522 1.42 41.01 -24.64
C ARG A 522 1.99 39.87 -25.50
N ALA A 523 1.53 39.81 -26.76
CA ALA A 523 1.93 38.78 -27.74
C ALA A 523 1.58 37.36 -27.29
N GLY A 524 0.29 37.03 -27.33
CA GLY A 524 -0.24 35.71 -26.96
C GLY A 524 0.29 35.13 -25.65
N ILE A 525 0.79 36.02 -24.77
CA ILE A 525 1.44 35.64 -23.50
C ILE A 525 1.00 36.48 -22.29
N GLN A 526 0.48 35.81 -21.27
CA GLN A 526 0.04 36.43 -20.01
C GLN A 526 0.99 36.15 -18.85
N GLU A 527 1.06 37.11 -17.94
CA GLU A 527 1.85 36.97 -16.72
C GLU A 527 0.97 37.04 -15.46
N ARG A 528 1.53 36.54 -14.35
CA ARG A 528 0.80 36.28 -13.12
C ARG A 528 1.86 36.30 -12.03
N ARG A 529 1.72 37.22 -11.09
CA ARG A 529 2.78 37.44 -10.09
C ARG A 529 2.33 37.16 -8.65
N ARG A 530 3.24 37.35 -7.70
CA ARG A 530 2.93 37.30 -6.27
C ARG A 530 4.12 37.85 -5.47
N GLU A 531 3.91 38.10 -4.18
CA GLU A 531 4.97 38.55 -3.27
C GLU A 531 4.69 38.22 -1.80
N CYS A 532 5.54 38.70 -0.89
CA CYS A 532 5.41 38.38 0.54
C CYS A 532 4.72 39.49 1.36
N SER A 543 11.78 34.15 4.17
CA SER A 543 11.56 34.44 2.76
C SER A 543 10.81 33.33 2.01
N CYS A 544 9.76 33.71 1.29
CA CYS A 544 8.86 32.77 0.61
C CYS A 544 9.64 32.06 -0.50
N PRO A 545 9.41 30.75 -0.69
CA PRO A 545 10.23 30.00 -1.64
C PRO A 545 9.55 29.69 -2.99
N GLY A 546 10.34 29.50 -4.03
CA GLY A 546 9.79 29.15 -5.33
C GLY A 546 9.68 30.31 -6.29
N ARG A 547 8.84 30.14 -7.31
CA ARG A 547 8.63 31.17 -8.36
C ARG A 547 7.59 32.20 -7.94
N LYS A 548 7.87 33.47 -8.28
CA LYS A 548 6.98 34.58 -7.94
C LYS A 548 6.28 35.11 -9.18
N VAL A 549 6.54 34.43 -10.29
CA VAL A 549 6.04 34.84 -11.56
C VAL A 549 5.74 33.58 -12.34
N GLN A 550 4.68 33.61 -13.13
CA GLN A 550 4.50 32.56 -14.14
C GLN A 550 4.04 33.11 -15.49
N THR A 551 3.77 32.22 -16.47
CA THR A 551 3.55 32.58 -17.88
C THR A 551 2.66 31.55 -18.60
N GLN A 552 1.59 31.99 -19.28
CA GLN A 552 0.61 31.03 -19.82
C GLN A 552 0.37 31.18 -21.32
N MET B 7 13.55 24.51 3.24
CA MET B 7 13.08 25.17 1.98
C MET B 7 12.64 24.13 0.91
N PRO B 8 11.36 24.16 0.52
CA PRO B 8 10.84 23.28 -0.50
C PRO B 8 11.47 23.53 -1.86
N ILE B 9 11.52 22.46 -2.66
CA ILE B 9 11.81 22.54 -4.08
C ILE B 9 10.56 22.05 -4.75
N ASP B 10 10.10 22.83 -5.71
CA ASP B 10 8.91 22.52 -6.45
C ASP B 10 9.27 21.70 -7.69
N CYS B 11 8.37 20.82 -8.09
CA CYS B 11 8.65 19.99 -9.22
C CYS B 11 8.53 20.86 -10.44
N GLU B 12 9.40 20.64 -11.40
CA GLU B 12 9.29 21.38 -12.66
C GLU B 12 9.58 20.44 -13.82
N LEU B 13 8.73 20.56 -14.83
CA LEU B 13 8.94 19.81 -16.04
C LEU B 13 9.26 20.80 -17.13
N SER B 14 10.04 20.36 -18.10
CA SER B 14 10.28 21.16 -19.30
C SER B 14 8.99 21.57 -19.99
N SER B 15 9.13 22.38 -21.02
CA SER B 15 8.01 22.69 -21.88
C SER B 15 7.78 21.56 -22.88
N TRP B 16 6.62 21.60 -23.51
CA TRP B 16 6.16 20.58 -24.42
C TRP B 16 7.06 20.43 -25.64
N SER B 17 7.50 19.22 -25.93
CA SER B 17 8.11 18.86 -27.23
C SER B 17 7.19 19.22 -28.40
N SER B 18 7.78 19.54 -29.54
CA SER B 18 7.05 19.71 -30.79
C SER B 18 6.14 18.49 -31.00
N TRP B 19 4.89 18.71 -31.39
CA TRP B 19 3.94 17.61 -31.62
C TRP B 19 4.49 16.69 -32.68
N THR B 20 4.14 15.40 -32.63
CA THR B 20 4.45 14.53 -33.77
C THR B 20 3.38 14.66 -34.85
N THR B 21 3.76 14.36 -36.09
CA THR B 21 2.77 14.30 -37.17
C THR B 21 1.90 13.07 -36.97
N CYS B 22 0.67 13.08 -37.44
CA CYS B 22 -0.21 11.93 -37.17
C CYS B 22 0.45 10.61 -37.60
N ASP B 23 0.46 9.67 -36.67
CA ASP B 23 0.76 8.27 -36.94
C ASP B 23 -0.50 7.61 -37.54
N PRO B 24 -0.33 6.96 -38.69
CA PRO B 24 -1.47 6.44 -39.45
C PRO B 24 -2.38 5.48 -38.65
N CYS B 25 -1.78 4.46 -38.04
CA CYS B 25 -2.49 3.40 -37.31
C CYS B 25 -3.20 3.90 -36.04
N GLN B 26 -2.49 4.71 -35.26
CA GLN B 26 -3.10 5.28 -34.08
C GLN B 26 -4.10 6.34 -34.48
N LYS B 27 -3.84 7.05 -35.57
CA LYS B 27 -4.65 8.21 -35.99
C LYS B 27 -4.61 9.30 -34.91
N LYS B 28 -3.37 9.74 -34.61
CA LYS B 28 -3.05 10.53 -33.41
C LYS B 28 -1.70 11.17 -33.45
N ARG B 29 -1.58 12.31 -32.77
CA ARG B 29 -0.25 12.94 -32.55
C ARG B 29 0.06 13.03 -31.05
N TYR B 30 1.35 12.98 -30.72
CA TYR B 30 1.83 13.00 -29.33
C TYR B 30 2.88 14.04 -29.09
N ARG B 31 2.97 14.52 -27.85
CA ARG B 31 4.03 15.48 -27.42
C ARG B 31 4.32 15.16 -25.94
N TYR B 32 5.46 15.57 -25.42
CA TYR B 32 5.74 15.27 -24.02
C TYR B 32 6.57 16.38 -23.38
N ALA B 33 6.72 16.29 -22.06
CA ALA B 33 7.56 17.16 -21.27
C ALA B 33 8.54 16.31 -20.51
N TYR B 34 9.66 16.88 -20.13
CA TYR B 34 10.49 16.04 -19.33
C TYR B 34 10.90 16.71 -18.05
N LEU B 35 11.15 15.93 -17.02
CA LEU B 35 11.41 16.48 -15.71
C LEU B 35 12.76 17.18 -15.61
N LEU B 36 12.73 18.47 -15.32
CA LEU B 36 13.96 19.20 -15.02
C LEU B 36 14.25 19.20 -13.50
N GLN B 37 13.22 19.21 -12.67
CA GLN B 37 13.45 19.39 -11.25
C GLN B 37 12.41 18.59 -10.46
N PRO B 38 12.86 17.70 -9.60
CA PRO B 38 11.89 16.94 -8.83
C PRO B 38 11.38 17.74 -7.66
N SER B 39 10.10 17.54 -7.28
CA SER B 39 9.64 18.09 -6.00
C SER B 39 10.42 17.38 -4.92
N GLN B 40 10.71 18.13 -3.86
CA GLN B 40 11.54 17.69 -2.73
C GLN B 40 11.17 18.55 -1.52
N PHE B 41 11.40 18.03 -0.31
CA PHE B 41 11.18 18.77 0.94
C PHE B 41 9.79 19.40 0.97
N HIS B 42 8.77 18.60 0.67
CA HIS B 42 7.39 19.07 0.53
C HIS B 42 7.19 20.28 -0.40
N GLY B 43 8.03 20.42 -1.43
CA GLY B 43 7.69 21.32 -2.53
C GLY B 43 6.34 20.97 -3.14
N GLU B 44 5.90 21.74 -4.12
CA GLU B 44 4.65 21.42 -4.84
C GLU B 44 4.93 20.29 -5.84
N PRO B 45 4.10 19.24 -5.85
CA PRO B 45 4.41 18.12 -6.72
C PRO B 45 3.90 18.34 -8.14
N CYS B 46 4.07 17.32 -8.99
CA CYS B 46 3.65 17.36 -10.38
C CYS B 46 2.47 16.41 -10.53
N ASN B 47 1.31 16.86 -10.12
CA ASN B 47 0.13 16.04 -10.25
C ASN B 47 -0.64 16.40 -11.48
N PHE B 48 0.01 16.29 -12.62
CA PHE B 48 -0.65 16.43 -13.91
C PHE B 48 0.17 15.57 -14.81
N SER B 49 -0.31 15.36 -16.03
CA SER B 49 0.35 14.45 -16.98
C SER B 49 1.56 15.05 -17.66
N ASP B 50 2.55 14.20 -17.86
CA ASP B 50 3.80 14.57 -18.50
C ASP B 50 3.71 14.36 -20.04
N LYS B 51 2.51 14.05 -20.52
CA LYS B 51 2.27 13.91 -21.95
C LYS B 51 0.82 14.27 -22.37
N GLU B 52 0.65 14.56 -23.65
CA GLU B 52 -0.67 14.70 -24.21
C GLU B 52 -0.79 13.84 -25.45
N VAL B 53 -2.01 13.46 -25.80
CA VAL B 53 -2.27 12.87 -27.11
C VAL B 53 -3.42 13.63 -27.81
N GLU B 54 -3.24 13.97 -29.08
CA GLU B 54 -4.33 14.62 -29.85
C GLU B 54 -4.93 13.65 -30.87
N ASP B 55 -6.23 13.74 -31.06
CA ASP B 55 -6.95 13.01 -32.11
C ASP B 55 -6.76 13.67 -33.45
N CYS B 56 -6.48 12.85 -34.45
CA CYS B 56 -5.93 13.31 -35.72
C CYS B 56 -6.80 13.10 -36.95
N VAL B 57 -6.16 13.27 -38.11
CA VAL B 57 -6.71 12.97 -39.44
C VAL B 57 -5.60 13.07 -40.48
N THR B 58 -5.09 11.94 -40.93
CA THR B 58 -4.38 11.90 -42.20
C THR B 58 -4.85 10.65 -42.92
N ASN B 59 -4.06 10.21 -43.89
CA ASN B 59 -4.44 9.02 -44.61
C ASN B 59 -3.29 8.05 -44.71
N ARG B 60 -2.08 8.58 -44.87
CA ARG B 60 -0.88 7.76 -45.11
C ARG B 60 -1.10 6.25 -44.83
N PRO B 61 -0.77 5.39 -45.81
CA PRO B 61 -1.14 3.96 -45.66
C PRO B 61 -0.71 3.35 -44.32
N CYS B 62 -1.58 2.55 -43.70
CA CYS B 62 -1.17 1.71 -42.55
C CYS B 62 -1.49 0.21 -42.76
N ARG B 63 -0.44 -0.60 -42.72
CA ARG B 63 -0.52 -2.05 -42.89
C ARG B 63 -0.86 -2.72 -41.57
N SER B 64 -2.06 -3.28 -41.48
CA SER B 64 -2.51 -3.97 -40.26
C SER B 64 -1.76 -5.29 -40.12
N GLN B 65 -2.25 -6.16 -39.24
CA GLN B 65 -1.67 -7.50 -39.02
C GLN B 65 -2.27 -8.55 -39.97
N VAL B 66 -1.63 -9.71 -40.09
CA VAL B 66 -2.01 -10.75 -41.07
C VAL B 66 -3.38 -11.43 -40.78
N ARG B 67 -4.42 -10.60 -40.59
CA ARG B 67 -5.71 -11.08 -40.10
C ARG B 67 -5.52 -11.87 -38.80
N CYS B 68 -6.56 -12.62 -38.41
CA CYS B 68 -6.47 -13.57 -37.32
C CYS B 68 -7.24 -14.81 -37.69
N GLU B 69 -6.54 -15.94 -37.62
CA GLU B 69 -7.14 -17.21 -37.98
C GLU B 69 -8.24 -17.63 -36.99
N GLY B 70 -7.85 -17.71 -35.72
CA GLY B 70 -8.77 -18.10 -34.65
C GLY B 70 -9.81 -17.08 -34.18
N PHE B 71 -10.43 -17.39 -33.04
CA PHE B 71 -11.45 -16.56 -32.45
C PHE B 71 -10.80 -15.35 -31.83
N VAL B 72 -11.35 -14.17 -32.12
CA VAL B 72 -10.85 -12.96 -31.46
C VAL B 72 -11.61 -12.63 -30.17
N CYS B 73 -10.84 -12.39 -29.12
CA CYS B 73 -11.37 -12.00 -27.84
C CYS B 73 -12.02 -10.61 -27.89
N ALA B 74 -13.17 -10.50 -27.23
CA ALA B 74 -14.06 -9.34 -27.25
C ALA B 74 -13.49 -8.05 -26.65
N GLN B 75 -12.65 -8.17 -25.63
CA GLN B 75 -12.15 -7.00 -24.91
C GLN B 75 -10.67 -6.87 -25.07
N THR B 76 -9.98 -8.00 -24.95
CA THR B 76 -8.53 -7.97 -24.92
C THR B 76 -7.99 -7.95 -26.33
N GLY B 77 -8.78 -8.48 -27.28
CA GLY B 77 -8.38 -8.53 -28.66
C GLY B 77 -7.17 -9.42 -28.81
N ARG B 78 -7.25 -10.61 -28.24
CA ARG B 78 -6.22 -11.63 -28.40
C ARG B 78 -6.75 -12.56 -29.47
N CYS B 79 -5.89 -13.34 -30.13
CA CYS B 79 -6.35 -14.21 -31.23
C CYS B 79 -6.26 -15.70 -30.90
N VAL B 80 -7.00 -16.11 -29.88
CA VAL B 80 -7.13 -17.49 -29.49
C VAL B 80 -7.54 -18.47 -30.62
N ASN B 81 -6.92 -19.65 -30.64
CA ASN B 81 -7.31 -20.79 -31.47
C ASN B 81 -8.71 -21.31 -31.10
N ARG B 82 -9.56 -21.69 -32.07
CA ARG B 82 -10.92 -22.20 -31.76
C ARG B 82 -10.97 -23.45 -30.87
N ARG B 83 -9.93 -24.28 -30.96
CA ARG B 83 -9.73 -25.40 -30.05
C ARG B 83 -9.72 -25.01 -28.55
N LEU B 84 -9.72 -23.70 -28.26
CA LEU B 84 -9.78 -23.21 -26.87
C LEU B 84 -11.12 -22.66 -26.40
N LEU B 85 -12.11 -22.63 -27.28
CA LEU B 85 -13.45 -22.25 -26.86
C LEU B 85 -14.07 -23.35 -26.03
N CYS B 86 -14.77 -22.98 -24.95
CA CYS B 86 -15.43 -23.93 -24.04
C CYS B 86 -14.56 -25.10 -23.52
N ASN B 87 -13.36 -24.78 -23.04
CA ASN B 87 -12.53 -25.74 -22.36
C ASN B 87 -12.38 -25.46 -20.83
N GLY B 88 -13.24 -24.61 -20.29
CA GLY B 88 -13.14 -24.25 -18.88
C GLY B 88 -11.91 -23.43 -18.47
N ASP B 89 -11.12 -23.01 -19.46
CA ASP B 89 -10.00 -22.10 -19.25
C ASP B 89 -10.39 -20.73 -19.73
N ASN B 90 -9.76 -19.71 -19.17
CA ASN B 90 -9.90 -18.37 -19.70
C ASN B 90 -8.69 -18.05 -20.56
N ASP B 91 -8.78 -18.43 -21.83
CA ASP B 91 -7.66 -18.29 -22.76
C ASP B 91 -7.66 -16.87 -23.35
N CYS B 92 -8.85 -16.31 -23.54
CA CYS B 92 -8.92 -14.93 -23.97
C CYS B 92 -8.34 -14.09 -22.90
N GLY B 93 -8.09 -14.76 -21.79
CA GLY B 93 -7.31 -14.21 -20.68
C GLY B 93 -7.36 -12.71 -20.79
N ASP B 94 -8.48 -12.13 -20.36
CA ASP B 94 -9.56 -12.94 -19.91
C ASP B 94 -10.89 -12.27 -20.07
N GLN B 95 -11.87 -13.03 -20.54
CA GLN B 95 -13.26 -12.77 -20.36
C GLN B 95 -13.96 -14.07 -20.73
N SER B 96 -14.00 -14.37 -22.04
CA SER B 96 -14.73 -15.53 -22.50
C SER B 96 -14.61 -16.01 -23.99
N ASP B 97 -13.55 -16.76 -24.24
CA ASP B 97 -13.66 -17.94 -25.05
C ASP B 97 -14.72 -18.87 -24.39
N GLU B 98 -15.28 -18.46 -23.26
CA GLU B 98 -16.11 -19.33 -22.41
C GLU B 98 -17.56 -18.90 -22.25
N ALA B 99 -17.99 -17.89 -22.99
CA ALA B 99 -19.42 -17.53 -23.00
C ALA B 99 -20.22 -18.51 -23.87
N ASN B 100 -21.53 -18.60 -23.64
CA ASN B 100 -22.42 -19.35 -24.54
C ASN B 100 -21.97 -20.78 -24.85
N CYS B 101 -21.54 -21.51 -23.83
CA CYS B 101 -21.15 -22.90 -23.96
C CYS B 101 -22.23 -23.82 -23.39
N ARG B 102 -22.79 -24.66 -24.24
CA ARG B 102 -23.75 -25.68 -23.82
C ARG B 102 -23.05 -26.57 -22.80
N ARG B 103 -21.92 -27.15 -23.20
CA ARG B 103 -21.15 -28.10 -22.38
C ARG B 103 -19.69 -27.63 -22.31
N ILE B 104 -18.93 -28.14 -21.35
CA ILE B 104 -17.49 -27.87 -21.32
C ILE B 104 -16.69 -29.14 -21.56
N TYR B 105 -15.60 -29.01 -22.30
CA TYR B 105 -14.80 -30.15 -22.64
C TYR B 105 -13.46 -30.11 -21.91
N LYS B 106 -13.29 -31.14 -21.08
CA LYS B 106 -12.03 -31.42 -20.37
C LYS B 106 -11.72 -30.42 -19.25
N LYS B 107 -12.74 -29.70 -18.78
CA LYS B 107 -12.65 -28.92 -17.54
C LYS B 107 -12.51 -29.89 -16.36
N CYS B 108 -11.24 -30.11 -15.97
CA CYS B 108 -10.78 -31.41 -15.40
C CYS B 108 -11.38 -31.93 -14.07
N GLN B 109 -11.25 -33.25 -13.89
CA GLN B 109 -11.61 -33.87 -12.64
C GLN B 109 -10.49 -33.65 -11.64
N HIS B 110 -9.57 -32.76 -12.01
CA HIS B 110 -8.33 -32.57 -11.27
C HIS B 110 -8.12 -31.11 -10.93
N GLU B 111 -8.48 -30.77 -9.69
CA GLU B 111 -8.17 -29.48 -9.07
C GLU B 111 -6.66 -29.19 -9.10
N MET B 112 -6.27 -28.03 -9.63
CA MET B 112 -4.86 -27.70 -9.83
C MET B 112 -4.45 -26.38 -9.16
N ASP B 113 -3.34 -26.40 -8.45
CA ASP B 113 -2.70 -25.15 -8.04
C ASP B 113 -1.77 -24.59 -9.09
N GLN B 114 -1.55 -23.27 -9.06
CA GLN B 114 -0.43 -22.67 -9.78
C GLN B 114 0.82 -22.78 -8.91
N TYR B 115 1.96 -22.87 -9.58
CA TYR B 115 3.24 -22.70 -8.92
C TYR B 115 3.16 -21.46 -8.03
N TRP B 116 3.70 -21.58 -6.81
CA TRP B 116 3.58 -20.54 -5.78
C TRP B 116 4.47 -19.35 -6.02
N GLY B 117 3.88 -18.19 -6.14
CA GLY B 117 4.61 -16.96 -6.49
C GLY B 117 4.74 -16.75 -7.99
N ILE B 118 4.13 -17.65 -8.78
CA ILE B 118 4.37 -17.63 -10.24
C ILE B 118 4.12 -16.28 -10.93
N GLY B 119 2.99 -15.66 -10.61
CA GLY B 119 2.73 -14.30 -11.05
C GLY B 119 3.93 -13.36 -11.05
N SER B 120 4.69 -13.39 -9.97
CA SER B 120 5.82 -12.44 -9.91
C SER B 120 6.74 -12.57 -11.12
N LEU B 121 6.90 -13.80 -11.58
CA LEU B 121 7.87 -14.11 -12.60
C LEU B 121 7.32 -13.71 -13.94
N ALA B 122 6.12 -13.21 -13.98
CA ALA B 122 5.50 -12.89 -15.24
C ALA B 122 5.43 -11.39 -15.37
N SER B 123 5.90 -10.68 -14.37
CA SER B 123 5.70 -9.25 -14.40
C SER B 123 7.02 -8.72 -14.82
N GLY B 124 6.99 -7.53 -15.38
CA GLY B 124 8.19 -6.95 -15.93
C GLY B 124 8.90 -6.26 -14.81
N ILE B 125 10.17 -5.95 -15.01
CA ILE B 125 11.02 -5.43 -13.96
C ILE B 125 11.73 -4.21 -14.44
N ASN B 126 11.78 -3.19 -13.58
CA ASN B 126 12.53 -1.98 -13.84
C ASN B 126 13.93 -2.28 -13.36
N LEU B 127 14.89 -2.36 -14.23
CA LEU B 127 16.19 -2.74 -13.73
C LEU B 127 16.97 -1.52 -13.27
N PHE B 128 16.50 -0.34 -13.65
CA PHE B 128 17.12 0.89 -13.21
C PHE B 128 16.82 1.21 -11.75
N THR B 129 15.68 0.73 -11.25
CA THR B 129 15.17 0.99 -9.92
C THR B 129 14.96 -0.33 -9.15
N ASN B 130 15.04 -1.44 -9.88
CA ASN B 130 14.79 -2.82 -9.35
C ASN B 130 13.37 -3.21 -8.92
N SER B 131 12.36 -2.41 -9.28
CA SER B 131 11.01 -2.72 -8.87
C SER B 131 10.36 -3.60 -9.89
N PHE B 132 9.43 -4.41 -9.41
CA PHE B 132 8.46 -5.10 -10.27
C PHE B 132 7.29 -4.27 -10.73
N GLU B 133 6.86 -4.52 -11.96
CA GLU B 133 5.86 -3.64 -12.58
C GLU B 133 4.66 -4.41 -13.03
N GLY B 134 3.98 -3.95 -14.07
CA GLY B 134 2.84 -4.64 -14.67
C GLY B 134 3.18 -5.99 -15.28
N PRO B 135 2.17 -6.83 -15.47
CA PRO B 135 2.51 -8.15 -16.01
C PRO B 135 2.86 -8.01 -17.48
N VAL B 136 3.95 -8.65 -17.91
CA VAL B 136 4.28 -8.68 -19.32
C VAL B 136 3.95 -10.07 -19.86
N LEU B 137 4.06 -11.10 -19.02
CA LEU B 137 3.82 -12.49 -19.50
C LEU B 137 2.58 -13.12 -18.99
N ASP B 138 1.84 -13.88 -19.80
CA ASP B 138 0.63 -14.48 -19.26
C ASP B 138 0.81 -15.91 -18.71
N HIS B 139 1.35 -16.00 -17.50
CA HIS B 139 1.60 -17.29 -16.86
C HIS B 139 0.35 -17.94 -16.34
N ARG B 140 -0.79 -17.46 -16.73
CA ARG B 140 -2.03 -18.13 -16.33
C ARG B 140 -2.69 -18.70 -17.59
N TYR B 141 -1.89 -18.89 -18.65
CA TYR B 141 -2.36 -19.37 -19.93
C TYR B 141 -1.82 -20.74 -20.21
N TYR B 142 -2.70 -21.72 -20.26
CA TYR B 142 -2.30 -23.06 -20.62
C TYR B 142 -2.56 -23.18 -22.11
N ALA B 143 -1.79 -23.98 -22.84
CA ALA B 143 -1.98 -23.89 -24.31
C ALA B 143 -3.05 -24.88 -24.80
N GLY B 144 -4.12 -25.02 -24.03
CA GLY B 144 -5.00 -26.15 -24.20
C GLY B 144 -4.44 -27.37 -23.47
N GLY B 145 -3.12 -27.38 -23.26
CA GLY B 145 -2.45 -28.51 -22.61
C GLY B 145 -2.82 -28.71 -21.15
N CYS B 146 -2.24 -29.73 -20.52
CA CYS B 146 -2.33 -29.92 -19.09
C CYS B 146 -1.11 -30.64 -18.50
N SER B 147 -0.03 -29.90 -18.30
CA SER B 147 1.18 -30.43 -17.70
C SER B 147 1.07 -30.53 -16.15
N PRO B 148 0.52 -31.67 -15.63
CA PRO B 148 0.43 -31.80 -14.17
C PRO B 148 1.82 -31.97 -13.61
N HIS B 149 2.07 -31.40 -12.44
CA HIS B 149 3.40 -31.41 -11.86
C HIS B 149 3.22 -31.61 -10.39
N TYR B 150 3.90 -32.60 -9.85
CA TYR B 150 3.80 -32.87 -8.41
C TYR B 150 5.05 -32.45 -7.68
N ILE B 151 4.88 -31.55 -6.72
CA ILE B 151 5.95 -31.14 -5.81
C ILE B 151 5.44 -31.23 -4.36
N LEU B 152 6.25 -31.84 -3.49
CA LEU B 152 5.93 -31.99 -2.07
C LEU B 152 4.43 -32.22 -1.85
N ASN B 153 3.90 -33.30 -2.44
CA ASN B 153 2.48 -33.67 -2.29
C ASN B 153 1.42 -32.63 -2.75
N THR B 154 1.74 -31.77 -3.71
CA THR B 154 0.71 -30.88 -4.30
C THR B 154 0.62 -30.99 -5.83
N ARG B 155 -0.63 -31.01 -6.34
CA ARG B 155 -0.93 -31.15 -7.77
C ARG B 155 -0.87 -29.78 -8.42
N PHE B 156 0.24 -29.51 -9.10
CA PHE B 156 0.46 -28.21 -9.71
C PHE B 156 0.20 -28.21 -11.22
N ARG B 157 -0.06 -27.05 -11.80
CA ARG B 157 -0.30 -26.97 -13.24
C ARG B 157 0.65 -26.03 -13.90
N LYS B 158 1.43 -26.54 -14.84
CA LYS B 158 2.42 -25.74 -15.52
C LYS B 158 1.77 -24.88 -16.59
N PRO B 159 2.08 -23.59 -16.61
CA PRO B 159 1.68 -22.71 -17.68
C PRO B 159 2.43 -23.01 -18.95
N TYR B 160 1.78 -22.72 -20.07
CA TYR B 160 2.37 -22.92 -21.37
C TYR B 160 3.74 -22.24 -21.51
N ASN B 161 3.89 -21.05 -20.94
CA ASN B 161 5.11 -20.26 -21.06
C ASN B 161 6.35 -20.91 -20.46
N VAL B 162 6.13 -21.57 -19.33
CA VAL B 162 7.23 -22.07 -18.59
C VAL B 162 7.76 -23.32 -19.23
N GLU B 163 9.07 -23.37 -19.41
CA GLU B 163 9.73 -24.47 -20.08
C GLU B 163 10.05 -25.50 -19.00
N SER B 164 10.30 -25.00 -17.79
CA SER B 164 10.82 -25.79 -16.70
C SER B 164 10.74 -25.07 -15.33
N TYR B 165 10.33 -25.86 -14.34
CA TYR B 165 10.26 -25.45 -12.96
C TYR B 165 10.60 -26.62 -12.07
N THR B 166 11.88 -26.89 -11.93
CA THR B 166 12.34 -28.06 -11.22
C THR B 166 12.61 -27.74 -9.73
N PRO B 167 12.15 -28.63 -8.82
CA PRO B 167 12.38 -28.64 -7.35
C PRO B 167 13.84 -28.85 -6.99
N GLN B 168 14.29 -28.22 -5.93
CA GLN B 168 15.67 -28.38 -5.51
C GLN B 168 15.74 -29.06 -4.17
N THR B 169 16.56 -30.12 -4.12
CA THR B 169 16.86 -30.87 -2.90
C THR B 169 17.25 -29.96 -1.75
N GLN B 170 16.47 -29.99 -0.67
CA GLN B 170 16.69 -29.08 0.46
C GLN B 170 18.15 -29.14 0.98
N GLY B 171 18.80 -27.97 1.07
CA GLY B 171 20.22 -27.85 1.44
C GLY B 171 20.54 -27.85 2.92
N LYS B 172 21.21 -26.79 3.38
CA LYS B 172 21.62 -26.66 4.79
C LYS B 172 21.67 -25.20 5.23
N TYR B 173 21.28 -24.92 6.47
CA TYR B 173 21.40 -23.55 7.00
C TYR B 173 22.86 -23.03 7.05
N GLU B 174 23.78 -23.78 6.46
CA GLU B 174 25.15 -23.30 6.27
C GLU B 174 25.13 -21.80 6.06
N PHE B 175 25.50 -21.05 7.09
CA PHE B 175 25.81 -19.64 6.96
C PHE B 175 27.24 -19.48 6.45
N ILE B 176 27.44 -18.66 5.42
CA ILE B 176 28.76 -18.19 5.02
C ILE B 176 29.03 -17.04 5.95
N LEU B 177 30.29 -16.74 6.22
CA LEU B 177 30.63 -15.66 7.14
C LEU B 177 31.75 -14.80 6.58
N LYS B 178 31.47 -13.52 6.35
CA LYS B 178 32.48 -12.59 5.83
C LYS B 178 32.82 -11.43 6.79
N GLU B 179 34.10 -11.38 7.14
CA GLU B 179 34.72 -10.33 7.95
C GLU B 179 34.80 -9.04 7.11
N TYR B 180 34.87 -7.87 7.75
CA TYR B 180 35.22 -6.61 7.07
C TYR B 180 35.73 -5.56 8.07
N GLU B 181 36.79 -4.83 7.71
CA GLU B 181 37.31 -3.80 8.62
C GLU B 181 36.63 -2.45 8.42
N SER B 182 36.93 -1.76 7.32
CA SER B 182 36.29 -0.45 7.11
C SER B 182 34.82 -0.60 6.67
N TYR B 183 34.01 0.40 7.01
CA TYR B 183 32.66 0.50 6.50
C TYR B 183 32.70 0.56 4.99
N SER B 184 33.66 1.32 4.46
CA SER B 184 33.97 1.33 3.03
C SER B 184 34.10 -0.08 2.44
N ASP B 185 34.88 -0.93 3.11
CA ASP B 185 35.04 -2.33 2.72
C ASP B 185 33.71 -3.08 2.78
N PHE B 186 32.79 -2.51 3.53
CA PHE B 186 31.49 -3.11 3.72
C PHE B 186 30.52 -2.86 2.53
N GLU B 187 30.78 -1.84 1.71
CA GLU B 187 30.08 -1.77 0.42
C GLU B 187 30.71 -2.72 -0.62
N ARG B 188 30.42 -4.00 -0.40
CA ARG B 188 30.68 -5.20 -1.23
C ARG B 188 29.52 -6.15 -0.90
N ASN B 189 28.73 -5.74 0.11
CA ASN B 189 27.53 -6.41 0.56
C ASN B 189 26.30 -5.60 0.21
N VAL B 190 26.48 -4.29 0.10
CA VAL B 190 25.36 -3.40 -0.05
C VAL B 190 25.37 -2.67 -1.37
N THR B 191 26.51 -2.60 -2.06
CA THR B 191 26.46 -2.22 -3.47
C THR B 191 25.82 -3.37 -4.30
N GLU B 192 24.83 -4.01 -3.68
CA GLU B 192 23.88 -4.94 -4.30
C GLU B 192 22.88 -5.45 -3.26
N SER B 198 22.89 -0.97 -13.33
CA SER B 198 23.73 -2.12 -12.98
C SER B 198 24.96 -2.12 -13.89
N GLY B 199 25.29 -3.26 -14.50
CA GLY B 199 26.36 -3.32 -15.49
C GLY B 199 25.91 -3.75 -16.90
N PHE B 200 25.31 -2.83 -17.63
CA PHE B 200 24.68 -3.16 -18.92
C PHE B 200 25.63 -3.30 -20.11
N SER B 201 25.46 -4.40 -20.87
CA SER B 201 26.12 -4.54 -22.18
C SER B 201 25.16 -4.20 -23.33
N PHE B 202 25.62 -3.34 -24.23
CA PHE B 202 24.88 -2.87 -25.43
C PHE B 202 23.46 -3.41 -25.64
N GLY B 203 22.54 -2.49 -25.94
CA GLY B 203 21.11 -2.82 -26.08
C GLY B 203 20.46 -3.16 -24.75
N PHE B 204 21.05 -2.68 -23.65
CA PHE B 204 20.59 -2.96 -22.28
C PHE B 204 20.44 -4.47 -21.98
N LYS B 205 21.25 -5.26 -22.65
CA LYS B 205 21.34 -6.70 -22.47
C LYS B 205 22.29 -7.02 -21.36
N ILE B 206 22.06 -8.19 -20.76
CA ILE B 206 22.91 -8.75 -19.72
C ILE B 206 22.93 -10.28 -19.89
N PRO B 207 24.06 -10.83 -20.32
CA PRO B 207 24.11 -12.29 -20.36
C PRO B 207 24.47 -12.86 -18.98
N GLY B 208 23.86 -13.98 -18.60
CA GLY B 208 24.22 -14.62 -17.33
C GLY B 208 23.54 -14.16 -16.04
N ILE B 209 23.23 -15.15 -15.19
CA ILE B 209 22.51 -14.97 -13.97
C ILE B 209 23.17 -13.87 -13.12
N PHE B 210 22.35 -13.16 -12.36
CA PHE B 210 22.85 -12.24 -11.36
C PHE B 210 21.88 -12.09 -10.20
N GLU B 211 22.44 -11.84 -9.02
CA GLU B 211 21.66 -11.60 -7.84
C GLU B 211 20.81 -10.38 -8.15
N LEU B 212 19.50 -10.59 -8.05
CA LEU B 212 18.54 -9.53 -8.15
C LEU B 212 18.63 -8.75 -6.86
N GLY B 213 19.30 -7.61 -6.95
CA GLY B 213 19.48 -6.75 -5.81
C GLY B 213 18.20 -5.99 -5.59
N ILE B 214 17.08 -6.70 -5.69
CA ILE B 214 15.77 -6.07 -5.56
C ILE B 214 15.92 -4.79 -4.70
N SER B 215 16.27 -4.96 -3.44
CA SER B 215 16.52 -3.83 -2.57
C SER B 215 17.56 -2.87 -3.20
N SER B 216 17.06 -1.85 -3.91
CA SER B 216 17.88 -0.74 -4.45
C SER B 216 17.25 0.60 -4.02
N GLN B 217 16.70 1.34 -5.01
CA GLN B 217 15.84 2.48 -4.71
C GLN B 217 14.54 1.89 -4.19
N SER B 218 14.47 0.56 -4.27
CA SER B 218 13.39 -0.21 -3.70
C SER B 218 12.96 0.35 -2.34
N ASP B 219 12.53 -0.52 -1.42
CA ASP B 219 11.59 -0.03 -0.40
C ASP B 219 11.77 -0.37 1.07
N ARG B 220 12.01 -1.62 1.40
CA ARG B 220 12.66 -1.91 2.68
C ARG B 220 14.07 -2.43 2.51
N GLY B 221 14.75 -1.84 1.54
CA GLY B 221 16.19 -1.69 1.58
C GLY B 221 16.34 -0.33 2.22
N LYS B 222 15.23 0.39 2.33
CA LYS B 222 15.28 1.70 2.91
C LYS B 222 15.41 1.66 4.44
N HIS B 223 15.08 0.55 5.09
CA HIS B 223 15.46 0.43 6.50
C HIS B 223 16.83 -0.18 6.69
N TYR B 224 17.37 -0.77 5.64
CA TYR B 224 18.74 -1.25 5.66
C TYR B 224 19.68 -0.07 5.57
N ILE B 225 19.36 0.86 4.66
CA ILE B 225 20.17 2.04 4.50
C ILE B 225 20.10 2.95 5.77
N ARG B 226 18.92 3.13 6.36
CA ARG B 226 18.82 3.89 7.59
C ARG B 226 19.80 3.33 8.67
N ARG B 227 19.83 2.01 8.77
CA ARG B 227 20.49 1.34 9.86
C ARG B 227 22.00 1.24 9.72
N THR B 228 22.52 0.97 8.52
CA THR B 228 23.95 0.76 8.31
C THR B 228 24.76 2.05 7.99
N LYS B 229 24.10 3.09 7.47
CA LYS B 229 24.82 4.29 7.02
C LYS B 229 25.34 5.14 8.20
N ARG B 230 24.72 4.96 9.37
CA ARG B 230 25.19 5.62 10.58
C ARG B 230 26.57 5.14 10.98
N PHE B 231 27.03 4.05 10.38
CA PHE B 231 28.35 3.55 10.74
C PHE B 231 29.42 3.99 9.75
N SER B 232 29.24 5.17 9.18
CA SER B 232 30.19 5.71 8.17
C SER B 232 31.49 6.30 8.71
N HIS B 233 31.41 7.15 9.74
CA HIS B 233 32.61 7.49 10.55
C HIS B 233 32.99 6.17 11.21
N THR B 234 33.76 5.41 10.43
CA THR B 234 33.89 3.98 10.59
C THR B 234 34.90 3.64 11.68
N LYS B 235 34.50 3.87 12.93
CA LYS B 235 35.26 3.29 14.04
C LYS B 235 34.87 1.81 14.13
N SER B 236 33.99 1.40 13.21
CA SER B 236 33.28 0.14 13.34
C SER B 236 33.83 -0.93 12.43
N VAL B 237 33.72 -2.16 12.90
CA VAL B 237 34.14 -3.33 12.20
C VAL B 237 32.90 -4.23 12.02
N PHE B 238 32.83 -4.97 10.91
CA PHE B 238 31.58 -5.60 10.46
C PHE B 238 31.69 -7.06 10.17
N LEU B 239 30.89 -7.85 10.85
CA LEU B 239 30.75 -9.25 10.46
C LEU B 239 29.45 -9.49 9.72
N HIS B 240 29.54 -10.19 8.59
CA HIS B 240 28.38 -10.48 7.76
C HIS B 240 27.99 -11.94 7.64
N ALA B 241 26.79 -12.27 8.06
CA ALA B 241 26.35 -13.66 7.94
C ALA B 241 25.29 -13.81 6.85
N ARG B 242 25.34 -14.91 6.11
CA ARG B 242 24.44 -15.10 4.98
C ARG B 242 24.27 -16.59 4.68
N SER B 243 23.02 -17.02 4.66
CA SER B 243 22.70 -18.36 4.24
C SER B 243 21.76 -18.31 3.05
N ASP B 244 21.79 -19.38 2.27
CA ASP B 244 21.04 -19.42 1.03
C ASP B 244 20.22 -20.68 0.87
N LEU B 245 18.97 -20.45 0.53
CA LEU B 245 18.09 -21.55 0.25
C LEU B 245 17.57 -21.38 -1.16
N GLU B 246 17.95 -22.31 -2.03
CA GLU B 246 17.36 -22.48 -3.36
C GLU B 246 16.21 -23.47 -3.19
N VAL B 247 15.03 -23.13 -3.70
CA VAL B 247 13.92 -24.07 -3.61
C VAL B 247 13.45 -24.57 -4.99
N ALA B 248 13.65 -23.74 -6.04
CA ALA B 248 13.23 -24.05 -7.42
C ALA B 248 14.04 -23.26 -8.45
N HIS B 249 14.34 -23.93 -9.57
CA HIS B 249 14.86 -23.26 -10.74
C HIS B 249 13.76 -23.07 -11.75
N TYR B 250 13.74 -21.91 -12.40
CA TYR B 250 12.73 -21.62 -13.38
C TYR B 250 13.36 -21.21 -14.71
N LYS B 251 12.73 -21.64 -15.80
CA LYS B 251 13.23 -21.31 -17.12
C LYS B 251 12.09 -21.03 -18.04
N LEU B 252 12.18 -19.90 -18.71
CA LEU B 252 11.15 -19.50 -19.65
C LEU B 252 11.44 -20.12 -21.00
N LYS B 253 10.39 -20.49 -21.73
CA LYS B 253 10.54 -20.95 -23.12
C LYS B 253 11.40 -20.00 -23.98
N PRO B 254 12.21 -20.59 -24.87
CA PRO B 254 13.01 -19.73 -25.75
C PRO B 254 12.12 -18.80 -26.60
N ARG B 255 10.93 -19.26 -26.99
CA ARG B 255 10.04 -18.42 -27.82
C ARG B 255 8.60 -18.82 -28.21
N SER B 256 8.00 -17.93 -28.99
CA SER B 256 6.55 -17.90 -29.20
C SER B 256 5.83 -17.97 -27.83
N LEU B 257 5.96 -16.86 -27.09
CA LEU B 257 5.49 -16.81 -25.71
C LEU B 257 4.14 -16.16 -25.71
N MET B 258 3.36 -16.46 -24.70
CA MET B 258 2.07 -15.84 -24.55
C MET B 258 2.19 -14.55 -23.72
N LEU B 259 2.17 -13.41 -24.42
CA LEU B 259 2.31 -12.08 -23.81
C LEU B 259 1.10 -11.81 -22.95
N HIS B 260 1.24 -11.02 -21.87
CA HIS B 260 0.04 -10.65 -21.14
C HIS B 260 -0.87 -9.76 -22.00
N TYR B 261 -2.17 -10.00 -21.90
CA TYR B 261 -3.12 -9.26 -22.75
C TYR B 261 -3.08 -7.77 -22.53
N GLU B 262 -2.80 -7.34 -21.30
CA GLU B 262 -2.66 -5.91 -20.99
C GLU B 262 -1.42 -5.28 -21.67
N PHE B 263 -0.36 -6.06 -21.72
CA PHE B 263 0.87 -5.64 -22.31
C PHE B 263 0.75 -5.62 -23.84
N LEU B 264 0.14 -6.68 -24.36
CA LEU B 264 -0.21 -6.79 -25.76
C LEU B 264 -0.93 -5.54 -26.26
N GLN B 265 -2.03 -5.14 -25.58
CA GLN B 265 -2.83 -3.97 -25.99
C GLN B 265 -2.10 -2.64 -25.91
N ARG B 266 -1.25 -2.48 -24.91
CA ARG B 266 -0.51 -1.23 -24.77
C ARG B 266 0.54 -1.14 -25.86
N VAL B 267 1.18 -2.24 -26.17
CA VAL B 267 2.15 -2.23 -27.24
C VAL B 267 1.46 -1.94 -28.56
N LYS B 268 0.24 -2.42 -28.75
CA LYS B 268 -0.49 -2.20 -30.02
C LYS B 268 -0.85 -0.75 -30.17
N ARG B 269 -0.73 0.00 -29.08
CA ARG B 269 -1.19 1.37 -29.02
C ARG B 269 -0.06 2.31 -29.35
N LEU B 270 1.18 1.84 -29.29
CA LEU B 270 2.36 2.73 -29.46
C LEU B 270 2.53 3.28 -30.88
N PRO B 271 3.00 4.54 -31.03
CA PRO B 271 3.14 5.10 -32.38
C PRO B 271 4.42 4.66 -33.04
N LEU B 272 4.55 4.97 -34.33
CA LEU B 272 5.71 4.54 -35.10
C LEU B 272 6.65 5.70 -35.20
N GLU B 273 6.08 6.89 -35.37
CA GLU B 273 6.86 8.09 -35.15
C GLU B 273 7.43 7.95 -33.73
N TYR B 274 8.71 8.24 -33.56
CA TYR B 274 9.32 8.16 -32.25
C TYR B 274 8.77 9.25 -31.35
N SER B 275 8.11 8.83 -30.25
CA SER B 275 7.64 9.75 -29.18
C SER B 275 7.90 9.21 -27.78
N TYR B 276 8.89 9.81 -27.13
CA TYR B 276 9.37 9.40 -25.83
C TYR B 276 8.26 9.22 -24.81
N GLY B 277 7.28 10.11 -24.81
CA GLY B 277 6.22 10.09 -23.79
C GLY B 277 5.49 8.77 -23.72
N GLU B 278 5.16 8.20 -24.87
CA GLU B 278 4.42 6.96 -24.91
C GLU B 278 5.30 5.77 -24.54
N TYR B 279 6.56 5.84 -24.88
CA TYR B 279 7.47 4.73 -24.63
C TYR B 279 7.89 4.72 -23.16
N ARG B 280 8.11 5.92 -22.62
CA ARG B 280 8.26 6.18 -21.18
C ARG B 280 7.13 5.56 -20.37
N ASP B 281 5.89 5.85 -20.72
CA ASP B 281 4.75 5.25 -20.02
C ASP B 281 4.89 3.75 -20.03
N LEU B 282 5.18 3.22 -21.19
CA LEU B 282 5.33 1.81 -21.29
C LEU B 282 6.30 1.28 -20.23
N PHE B 283 7.47 1.89 -20.08
CA PHE B 283 8.44 1.34 -19.15
C PHE B 283 8.03 1.52 -17.70
N ARG B 284 7.20 2.54 -17.47
CA ARG B 284 6.77 2.82 -16.14
C ARG B 284 5.75 1.79 -15.67
N ASP B 285 5.05 1.19 -16.61
CA ASP B 285 3.97 0.31 -16.26
C ASP B 285 4.47 -1.10 -16.35
N PHE B 286 5.46 -1.35 -17.19
CA PHE B 286 5.80 -2.72 -17.47
C PHE B 286 7.22 -3.00 -17.20
N GLY B 287 8.00 -1.95 -16.98
CA GLY B 287 9.42 -2.12 -16.67
C GLY B 287 10.28 -2.05 -17.92
N THR B 288 11.48 -2.63 -17.82
CA THR B 288 12.47 -2.51 -18.87
C THR B 288 13.00 -3.89 -19.32
N HIS B 289 12.76 -4.93 -18.51
CA HIS B 289 13.24 -6.28 -18.78
C HIS B 289 12.22 -7.31 -18.33
N TYR B 290 12.45 -8.59 -18.61
CA TYR B 290 11.55 -9.62 -18.08
C TYR B 290 12.45 -10.80 -17.81
N ILE B 291 11.90 -11.89 -17.33
CA ILE B 291 12.70 -12.96 -16.70
C ILE B 291 12.72 -14.22 -17.52
N THR B 292 13.90 -14.60 -17.99
CA THR B 292 13.99 -15.78 -18.83
C THR B 292 14.48 -16.94 -17.99
N GLU B 293 15.32 -16.65 -16.99
CA GLU B 293 15.73 -17.66 -15.98
C GLU B 293 15.82 -17.13 -14.53
N ALA B 294 15.60 -18.01 -13.55
CA ALA B 294 15.57 -17.58 -12.16
C ALA B 294 15.81 -18.68 -11.16
N VAL B 295 16.44 -18.33 -10.04
CA VAL B 295 16.51 -19.20 -8.86
C VAL B 295 15.54 -18.63 -7.89
N LEU B 296 14.61 -19.44 -7.47
CA LEU B 296 13.68 -19.05 -6.50
C LEU B 296 14.21 -19.60 -5.20
N GLY B 297 14.02 -18.82 -4.13
CA GLY B 297 14.35 -19.27 -2.80
C GLY B 297 14.28 -18.20 -1.73
N GLY B 298 15.33 -18.14 -0.94
CA GLY B 298 15.35 -17.27 0.23
C GLY B 298 16.75 -16.97 0.75
N ILE B 299 16.98 -15.74 1.24
CA ILE B 299 18.27 -15.43 1.77
C ILE B 299 18.42 -15.64 3.26
N TYR B 300 18.00 -14.65 4.01
CA TYR B 300 18.41 -14.54 5.43
C TYR B 300 19.84 -14.08 5.58
N GLU B 301 19.97 -12.78 5.82
CA GLU B 301 21.27 -12.25 6.14
C GLU B 301 21.21 -11.33 7.35
N TYR B 302 22.23 -11.43 8.18
CA TYR B 302 22.36 -10.56 9.30
C TYR B 302 23.79 -10.08 9.37
N THR B 303 23.97 -8.86 9.82
CA THR B 303 25.29 -8.31 10.05
C THR B 303 25.43 -7.70 11.45
N LEU B 304 26.53 -8.09 12.10
CA LEU B 304 26.97 -7.50 13.38
C LEU B 304 27.89 -6.30 13.17
N VAL B 305 27.60 -5.22 13.86
CA VAL B 305 28.40 -4.01 13.80
C VAL B 305 29.05 -3.77 15.16
N MET B 306 30.36 -3.69 15.14
CA MET B 306 31.16 -3.68 16.36
C MET B 306 32.02 -2.47 16.44
N ASN B 307 31.98 -1.83 17.62
CA ASN B 307 32.92 -0.78 17.96
C ASN B 307 34.28 -1.41 18.14
N LYS B 308 35.26 -0.89 17.41
CA LYS B 308 36.60 -1.44 17.43
C LYS B 308 37.22 -1.25 18.83
N GLU B 309 37.19 -0.02 19.33
CA GLU B 309 37.76 0.31 20.63
C GLU B 309 37.19 -0.52 21.79
N ALA B 310 35.86 -0.50 21.98
CA ALA B 310 35.21 -1.24 23.07
C ALA B 310 35.37 -2.76 22.96
N MET B 311 35.62 -3.21 21.73
CA MET B 311 35.90 -4.61 21.41
C MET B 311 37.33 -4.96 21.79
N GLU B 312 38.24 -4.03 21.46
CA GLU B 312 39.65 -4.13 21.86
C GLU B 312 39.89 -3.65 23.31
N ARG B 313 38.88 -3.76 24.18
CA ARG B 313 39.04 -3.44 25.59
C ARG B 313 38.38 -4.52 26.43
N GLY B 314 37.62 -5.38 25.74
CA GLY B 314 37.21 -6.65 26.32
C GLY B 314 38.24 -7.67 25.86
N ASP B 315 39.23 -7.18 25.11
CA ASP B 315 40.28 -8.00 24.48
C ASP B 315 39.66 -9.04 23.50
N TYR B 316 38.89 -8.53 22.53
CA TYR B 316 38.20 -9.38 21.54
C TYR B 316 38.63 -9.09 20.11
N THR B 317 38.66 -10.13 19.29
CA THR B 317 39.15 -10.05 17.92
C THR B 317 38.09 -10.47 16.92
N LEU B 318 38.26 -10.09 15.65
CA LEU B 318 37.29 -10.53 14.63
C LEU B 318 37.23 -12.06 14.55
N ASN B 319 38.40 -12.69 14.47
CA ASN B 319 38.47 -14.13 14.56
C ASN B 319 37.56 -14.62 15.69
N ASN B 320 37.75 -14.10 16.90
CA ASN B 320 36.92 -14.43 18.04
C ASN B 320 35.46 -14.50 17.65
N VAL B 321 34.99 -13.46 16.97
CA VAL B 321 33.57 -13.34 16.69
C VAL B 321 33.23 -14.22 15.50
N HIS B 322 33.89 -13.96 14.36
CA HIS B 322 33.79 -14.81 13.16
C HIS B 322 33.62 -16.28 13.55
N ALA B 323 34.65 -16.85 14.16
CA ALA B 323 34.65 -18.24 14.55
C ALA B 323 33.62 -18.56 15.63
N CYS B 324 33.33 -17.61 16.53
CA CYS B 324 32.32 -17.83 17.57
C CYS B 324 30.90 -17.88 16.98
N ALA B 325 30.76 -17.39 15.76
CA ALA B 325 29.45 -17.28 15.15
C ALA B 325 28.95 -18.58 14.52
N LYS B 326 29.86 -19.54 14.32
CA LYS B 326 29.50 -20.86 13.76
C LYS B 326 28.54 -21.70 14.63
N ASN B 327 27.74 -21.02 15.45
CA ASN B 327 26.79 -21.66 16.37
C ASN B 327 26.18 -20.65 17.32
N ASP B 328 27.00 -20.10 18.21
CA ASP B 328 26.58 -19.34 19.41
C ASP B 328 25.57 -20.10 20.26
N SER B 345 40.88 -22.26 16.75
CA SER B 345 40.51 -21.13 17.60
C SER B 345 39.62 -21.56 18.79
N VAL B 346 39.75 -22.83 19.21
CA VAL B 346 38.81 -23.48 20.17
C VAL B 346 39.00 -23.11 21.68
N GLY B 347 38.78 -21.82 21.98
CA GLY B 347 38.67 -21.31 23.35
C GLY B 347 37.33 -20.62 23.59
N LYS B 348 37.11 -20.21 24.84
CA LYS B 348 35.80 -19.64 25.29
C LYS B 348 35.49 -18.19 24.85
N CYS B 349 34.63 -18.06 23.85
CA CYS B 349 34.21 -16.74 23.38
C CYS B 349 32.92 -16.37 24.06
N ARG B 350 32.00 -17.33 24.04
CA ARG B 350 30.60 -17.19 24.33
C ARG B 350 30.33 -16.52 25.66
N GLY B 351 31.30 -15.70 26.09
CA GLY B 351 31.19 -14.92 27.30
C GLY B 351 30.14 -13.87 27.09
N ILE B 352 30.60 -12.63 27.08
CA ILE B 352 29.71 -11.51 26.77
C ILE B 352 29.71 -11.37 25.24
N LEU B 353 30.77 -11.88 24.60
CA LEU B 353 30.84 -11.98 23.13
C LEU B 353 29.53 -12.56 22.63
N ASN B 354 28.69 -12.94 23.58
CA ASN B 354 27.35 -13.45 23.34
C ASN B 354 26.30 -12.65 24.14
N GLU B 355 26.71 -12.08 25.29
CA GLU B 355 25.80 -11.27 26.12
C GLU B 355 25.92 -9.76 25.87
N ILE B 356 27.15 -9.31 25.64
CA ILE B 356 27.41 -7.92 25.25
C ILE B 356 26.81 -7.77 23.85
N LYS B 357 26.35 -8.91 23.33
CA LYS B 357 25.53 -9.00 22.14
C LYS B 357 24.04 -9.08 22.44
N ASP B 358 23.65 -10.01 23.33
CA ASP B 358 22.27 -10.14 23.82
C ASP B 358 21.76 -8.84 24.43
N ARG B 359 22.63 -8.20 25.18
CA ARG B 359 22.28 -6.90 25.75
C ARG B 359 23.00 -5.83 24.96
N ASN B 360 22.76 -5.82 23.66
CA ASN B 360 23.13 -4.69 22.83
C ASN B 360 22.28 -3.48 23.21
N LYS B 361 21.05 -3.73 23.66
CA LYS B 361 20.13 -2.64 23.93
C LYS B 361 19.87 -2.32 25.42
N ARG B 362 20.93 -2.42 26.24
CA ARG B 362 21.02 -1.76 27.57
C ARG B 362 22.49 -1.52 27.95
N ASP B 363 23.24 -2.62 28.13
CA ASP B 363 24.72 -2.66 28.28
C ASP B 363 25.48 -2.11 27.02
N MET B 365 29.08 -2.46 23.69
CA MET B 365 30.03 -3.04 22.67
C MET B 365 29.55 -3.42 21.25
N VAL B 366 28.34 -3.95 21.13
CA VAL B 366 27.78 -4.31 19.82
C VAL B 366 26.96 -3.10 19.37
N GLU B 367 27.32 -2.52 18.23
CA GLU B 367 26.65 -1.28 17.81
C GLU B 367 25.23 -1.57 17.31
N ASP B 368 25.06 -2.64 16.52
CA ASP B 368 23.78 -3.11 16.03
C ASP B 368 23.95 -4.50 15.41
N LEU B 369 22.84 -5.21 15.34
CA LEU B 369 22.70 -6.44 14.62
C LEU B 369 21.62 -6.16 13.57
N VAL B 370 22.05 -6.05 12.32
CA VAL B 370 21.09 -5.72 11.27
C VAL B 370 20.74 -7.00 10.49
N VAL B 371 19.44 -7.28 10.39
CA VAL B 371 18.94 -8.47 9.72
C VAL B 371 18.21 -8.10 8.43
N LEU B 372 18.26 -8.99 7.43
CA LEU B 372 17.57 -8.81 6.17
C LEU B 372 17.13 -10.18 5.61
N VAL B 373 15.83 -10.41 5.58
CA VAL B 373 15.30 -11.71 5.16
C VAL B 373 14.51 -11.59 3.87
N ARG B 374 14.95 -12.31 2.84
CA ARG B 374 14.24 -12.37 1.56
C ARG B 374 13.71 -13.76 1.21
N GLY B 375 12.39 -13.91 1.19
CA GLY B 375 11.73 -15.18 0.97
C GLY B 375 11.22 -15.67 2.30
N GLY B 376 10.02 -16.22 2.31
CA GLY B 376 9.38 -16.68 3.54
C GLY B 376 9.36 -15.66 4.67
N ALA B 377 8.90 -14.44 4.40
CA ALA B 377 8.85 -13.43 5.45
C ALA B 377 7.52 -13.40 6.20
N SER B 378 7.14 -14.52 6.80
CA SER B 378 5.97 -14.53 7.67
C SER B 378 6.38 -14.13 9.09
N GLU B 379 6.23 -15.05 10.06
CA GLU B 379 6.44 -14.72 11.49
C GLU B 379 7.76 -15.12 12.14
N HIS B 380 8.77 -15.20 11.29
CA HIS B 380 10.15 -15.16 11.69
C HIS B 380 10.55 -13.71 11.86
N ILE B 381 9.82 -12.82 11.20
CA ILE B 381 10.04 -11.41 11.43
C ILE B 381 9.66 -11.04 12.88
N THR B 382 8.36 -10.89 13.15
CA THR B 382 7.87 -10.32 14.40
C THR B 382 8.06 -11.27 15.58
N THR B 383 8.29 -10.65 16.73
CA THR B 383 8.90 -11.26 17.94
C THR B 383 10.33 -11.88 17.75
N LEU B 384 10.79 -12.11 16.51
CA LEU B 384 12.02 -12.90 16.37
C LEU B 384 13.24 -12.45 15.52
N ALA B 385 13.28 -12.83 14.25
CA ALA B 385 14.51 -12.73 13.45
C ALA B 385 15.14 -11.36 13.37
N TYR B 386 14.32 -10.32 13.40
CA TYR B 386 14.71 -9.01 12.87
C TYR B 386 15.58 -8.09 13.71
N GLN B 387 15.36 -8.05 15.02
CA GLN B 387 16.19 -7.16 15.83
C GLN B 387 16.18 -7.79 17.19
N GLU B 388 15.18 -8.64 17.39
CA GLU B 388 15.12 -9.42 18.61
C GLU B 388 16.27 -10.43 18.47
N LEU B 389 16.16 -11.66 18.95
CA LEU B 389 17.28 -12.62 18.83
C LEU B 389 17.93 -12.62 17.43
N PRO B 390 19.16 -13.14 17.30
CA PRO B 390 19.75 -13.24 16.00
C PRO B 390 19.05 -14.31 15.18
N THR B 391 19.28 -15.57 15.58
CA THR B 391 18.87 -16.70 14.78
C THR B 391 19.15 -18.03 15.49
N ALA B 392 18.09 -18.78 15.77
CA ALA B 392 18.16 -20.06 16.48
C ALA B 392 18.24 -21.25 15.51
N ASP B 393 17.53 -22.33 15.82
CA ASP B 393 17.25 -23.36 14.82
C ASP B 393 15.76 -23.26 14.46
N LEU B 394 15.36 -22.00 14.23
CA LEU B 394 14.12 -21.58 13.61
C LEU B 394 14.44 -21.29 12.13
N MET B 395 15.55 -21.85 11.67
CA MET B 395 15.86 -21.85 10.27
C MET B 395 15.07 -22.94 9.57
N GLN B 396 14.68 -23.99 10.30
CA GLN B 396 13.80 -25.01 9.73
C GLN B 396 12.52 -24.30 9.46
N GLU B 397 12.02 -23.60 10.48
CA GLU B 397 10.77 -22.88 10.35
C GLU B 397 10.81 -21.94 9.15
N TRP B 398 11.81 -21.06 9.10
CA TRP B 398 11.99 -20.23 7.92
C TRP B 398 12.11 -21.06 6.63
N GLY B 399 12.68 -22.28 6.74
CA GLY B 399 12.84 -23.19 5.59
C GLY B 399 11.51 -23.59 4.98
N ASP B 400 10.54 -23.99 5.80
CA ASP B 400 9.17 -24.22 5.33
C ASP B 400 8.63 -22.98 4.64
N ALA B 401 8.74 -21.84 5.31
CA ALA B 401 8.04 -20.64 4.87
C ALA B 401 8.53 -20.18 3.51
N VAL B 402 9.81 -20.39 3.23
CA VAL B 402 10.37 -20.05 1.94
C VAL B 402 9.69 -20.89 0.90
N GLN B 403 9.37 -22.11 1.27
CA GLN B 403 8.83 -23.11 0.35
C GLN B 403 7.48 -22.68 -0.19
N TYR B 404 6.82 -21.82 0.56
CA TYR B 404 5.47 -21.43 0.30
C TYR B 404 5.37 -19.98 -0.13
N ASN B 405 6.53 -19.33 -0.21
CA ASN B 405 6.59 -17.93 -0.52
C ASN B 405 8.02 -17.67 -0.90
N PRO B 406 8.45 -18.25 -2.02
CA PRO B 406 9.83 -18.09 -2.32
C PRO B 406 10.01 -16.69 -2.89
N ALA B 407 11.24 -16.20 -2.92
CA ALA B 407 11.58 -14.93 -3.55
C ALA B 407 12.38 -15.17 -4.84
N ILE B 408 12.30 -14.26 -5.82
CA ILE B 408 13.28 -14.30 -6.91
C ILE B 408 14.61 -13.80 -6.38
N ILE B 409 15.57 -14.71 -6.30
CA ILE B 409 16.88 -14.45 -5.71
C ILE B 409 17.89 -14.17 -6.81
N LYS B 410 17.93 -15.07 -7.79
CA LYS B 410 18.78 -14.93 -9.00
C LYS B 410 17.92 -14.94 -10.28
N VAL B 411 18.43 -14.26 -11.30
CA VAL B 411 17.67 -13.97 -12.47
C VAL B 411 18.53 -13.82 -13.71
N LYS B 412 17.98 -14.30 -14.82
CA LYS B 412 18.53 -14.03 -16.13
C LYS B 412 17.52 -13.17 -16.86
N VAL B 413 17.95 -12.01 -17.33
CA VAL B 413 17.02 -11.01 -17.90
C VAL B 413 17.12 -10.80 -19.41
N GLU B 414 16.12 -10.14 -19.96
CA GLU B 414 16.09 -9.82 -21.38
C GLU B 414 15.36 -8.47 -21.54
N PRO B 415 15.85 -7.58 -22.41
CA PRO B 415 15.09 -6.32 -22.59
C PRO B 415 13.66 -6.51 -23.07
N LEU B 416 12.80 -5.56 -22.77
CA LEU B 416 11.42 -5.74 -23.13
C LEU B 416 11.23 -5.90 -24.63
N TYR B 417 12.05 -5.21 -25.43
CA TYR B 417 11.86 -5.22 -26.87
C TYR B 417 11.97 -6.59 -27.52
N GLU B 418 12.70 -7.52 -26.90
CA GLU B 418 12.75 -8.89 -27.36
C GLU B 418 11.39 -9.57 -27.28
N LEU B 419 10.42 -8.92 -26.66
CA LEU B 419 9.09 -9.53 -26.64
C LEU B 419 8.27 -9.06 -27.88
N VAL B 420 8.73 -8.00 -28.50
CA VAL B 420 8.00 -7.41 -29.60
C VAL B 420 8.43 -8.02 -30.92
N THR B 421 7.65 -9.01 -31.35
CA THR B 421 7.98 -9.75 -32.52
C THR B 421 6.89 -9.61 -33.59
N ALA B 422 7.30 -9.92 -34.83
CA ALA B 422 6.45 -9.83 -36.02
C ALA B 422 5.16 -10.62 -35.93
N THR B 423 5.22 -11.81 -35.34
CA THR B 423 4.04 -12.68 -35.27
C THR B 423 2.97 -12.17 -34.30
N ASP B 424 3.36 -11.33 -33.38
CA ASP B 424 2.38 -10.61 -32.57
C ASP B 424 2.15 -9.22 -33.11
N PHE B 425 3.17 -8.61 -33.72
CA PHE B 425 3.05 -7.17 -34.00
C PHE B 425 3.40 -6.73 -35.39
N ALA B 426 2.49 -5.94 -35.93
CA ALA B 426 2.78 -5.16 -37.10
C ALA B 426 3.89 -4.22 -36.68
N TYR B 427 4.84 -4.02 -37.57
CA TYR B 427 5.89 -3.02 -37.41
C TYR B 427 6.89 -3.32 -36.32
N SER B 428 6.80 -4.51 -35.74
CA SER B 428 7.75 -4.95 -34.74
C SER B 428 9.06 -4.21 -34.91
N SER B 429 9.61 -4.26 -36.12
CA SER B 429 10.93 -3.66 -36.32
C SER B 429 11.08 -2.25 -35.74
N THR B 430 10.16 -1.37 -36.11
CA THR B 430 10.10 0.01 -35.69
C THR B 430 9.89 0.10 -34.18
N VAL B 431 8.81 -0.50 -33.68
CA VAL B 431 8.55 -0.51 -32.24
C VAL B 431 9.79 -0.95 -31.46
N ARG B 432 10.46 -2.02 -31.88
CA ARG B 432 11.71 -2.41 -31.25
C ARG B 432 12.75 -1.31 -31.25
N GLN B 433 12.94 -0.62 -32.37
CA GLN B 433 13.99 0.42 -32.42
C GLN B 433 13.62 1.58 -31.51
N ASN B 434 12.34 1.92 -31.55
CA ASN B 434 11.76 3.01 -30.78
C ASN B 434 11.97 2.77 -29.28
N MET B 435 11.69 1.56 -28.83
CA MET B 435 11.92 1.17 -27.43
C MET B 435 13.39 1.26 -27.05
N LYS B 436 14.28 1.00 -28.01
CA LYS B 436 15.69 0.93 -27.68
C LYS B 436 16.13 2.31 -27.30
N GLN B 437 15.72 3.29 -28.10
CA GLN B 437 16.20 4.66 -27.96
C GLN B 437 15.61 5.26 -26.69
N ALA B 438 14.36 4.91 -26.43
CA ALA B 438 13.66 5.45 -25.29
C ALA B 438 14.24 4.91 -23.95
N LEU B 439 14.65 3.64 -23.95
CA LEU B 439 15.29 2.99 -22.82
C LEU B 439 16.50 3.78 -22.41
N GLU B 440 17.17 4.36 -23.42
CA GLU B 440 18.33 5.22 -23.18
C GLU B 440 17.90 6.49 -22.49
N GLU B 441 16.82 7.10 -22.98
CA GLU B 441 16.35 8.37 -22.39
C GLU B 441 15.83 8.14 -20.99
N PHE B 442 15.07 7.06 -20.86
CA PHE B 442 14.48 6.64 -19.63
C PHE B 442 15.53 6.42 -18.51
N GLN B 443 16.61 5.65 -18.77
CA GLN B 443 17.62 5.39 -17.76
C GLN B 443 18.00 6.67 -17.04
N LYS B 444 18.27 7.72 -17.81
CA LYS B 444 18.63 9.01 -17.23
C LYS B 444 17.46 9.52 -16.42
N GLU B 445 16.31 9.66 -17.06
CA GLU B 445 15.20 10.26 -16.39
C GLU B 445 14.81 9.62 -15.05
N VAL B 446 15.09 8.33 -14.83
CA VAL B 446 14.67 7.73 -13.55
C VAL B 446 15.72 7.70 -12.47
N SER B 447 16.90 8.22 -12.76
CA SER B 447 18.05 8.19 -11.87
C SER B 447 17.93 9.21 -10.71
N SER B 448 18.36 8.80 -9.50
CA SER B 448 18.29 9.64 -8.29
C SER B 448 19.28 10.77 -8.30
N CYS B 449 20.00 11.00 -9.42
CA CYS B 449 21.01 12.07 -9.52
C CYS B 449 20.39 13.40 -9.80
N HIS B 450 19.16 13.38 -10.30
CA HIS B 450 18.35 14.58 -10.51
C HIS B 450 17.91 15.16 -9.16
N CYS B 451 18.01 14.33 -8.13
CA CYS B 451 17.62 14.75 -6.79
C CYS B 451 18.65 15.69 -6.16
N ALA B 452 18.17 16.77 -5.56
CA ALA B 452 18.98 17.68 -4.74
C ALA B 452 19.59 17.00 -3.49
N PRO B 453 20.70 17.55 -2.97
CA PRO B 453 21.29 16.75 -1.90
C PRO B 453 20.44 16.78 -0.63
N CYS B 454 20.34 15.65 0.05
CA CYS B 454 19.99 15.63 1.46
C CYS B 454 21.27 16.06 2.26
N GLN B 455 21.13 16.18 3.58
CA GLN B 455 22.27 16.44 4.42
C GLN B 455 22.50 15.28 5.37
N GLY B 456 23.45 15.43 6.27
CA GLY B 456 23.74 14.39 7.24
C GLY B 456 24.09 13.03 6.65
N ASN B 457 24.65 13.03 5.44
CA ASN B 457 24.97 11.78 4.73
C ASN B 457 23.74 10.96 4.24
N GLY B 458 22.56 11.56 4.10
CA GLY B 458 21.33 10.80 3.78
C GLY B 458 21.26 10.34 2.33
N VAL B 459 20.35 9.43 1.99
CA VAL B 459 20.29 8.99 0.61
C VAL B 459 19.04 9.45 -0.15
N PRO B 460 19.22 10.19 -1.23
CA PRO B 460 18.04 10.59 -1.97
C PRO B 460 17.53 9.45 -2.82
N VAL B 461 16.21 9.33 -2.94
CA VAL B 461 15.56 8.36 -3.82
C VAL B 461 14.49 9.08 -4.61
N LEU B 462 14.53 8.89 -5.92
CA LEU B 462 13.55 9.39 -6.85
C LEU B 462 12.40 8.39 -6.96
N LYS B 463 11.18 8.89 -6.80
CA LYS B 463 10.03 8.15 -7.24
C LYS B 463 9.07 9.00 -8.05
N GLY B 464 8.95 8.64 -9.32
CA GLY B 464 8.20 9.42 -10.28
C GLY B 464 8.87 10.76 -10.38
N SER B 465 8.15 11.82 -9.99
CA SER B 465 8.70 13.15 -9.97
C SER B 465 8.99 13.71 -8.55
N ARG B 466 8.64 12.93 -7.52
CA ARG B 466 8.97 13.31 -6.13
C ARG B 466 10.27 12.68 -5.67
N CYS B 467 10.86 13.25 -4.64
CA CYS B 467 12.18 12.85 -4.25
C CYS B 467 12.33 12.90 -2.72
N ASP B 468 12.61 11.76 -2.11
CA ASP B 468 12.50 11.60 -0.66
C ASP B 468 13.82 11.15 -0.06
N CYS B 469 14.20 11.73 1.07
CA CYS B 469 15.47 11.40 1.71
C CYS B 469 15.43 10.24 2.68
N ILE B 470 16.33 9.29 2.45
CA ILE B 470 16.59 8.20 3.38
C ILE B 470 17.66 8.66 4.36
N CYS B 471 17.26 8.68 5.62
CA CYS B 471 18.07 9.24 6.68
C CYS B 471 18.70 8.20 7.54
N PRO B 472 19.96 8.43 7.91
CA PRO B 472 20.61 7.49 8.79
C PRO B 472 20.08 7.68 10.19
N VAL B 473 19.77 6.56 10.85
CA VAL B 473 19.36 6.53 12.25
C VAL B 473 20.23 7.55 12.95
N GLY B 474 19.57 8.40 13.72
CA GLY B 474 20.23 9.49 14.39
C GLY B 474 19.99 10.81 13.69
N SER B 475 19.19 10.79 12.61
CA SER B 475 18.87 11.97 11.81
C SER B 475 17.37 12.14 11.63
N GLN B 476 16.87 13.38 11.79
CA GLN B 476 15.43 13.68 11.72
C GLN B 476 15.18 14.78 10.69
N GLY B 477 13.91 14.92 10.28
CA GLY B 477 13.50 15.95 9.35
C GLY B 477 13.76 15.58 7.89
N LEU B 478 12.98 16.13 6.96
CA LEU B 478 13.31 15.96 5.53
C LEU B 478 14.71 16.54 5.30
N ALA B 479 15.43 16.05 4.32
CA ALA B 479 16.80 16.55 4.10
C ALA B 479 17.73 16.15 5.21
N CYS B 480 17.12 15.63 6.27
CA CYS B 480 17.83 15.01 7.41
C CYS B 480 19.01 15.76 7.96
N GLU B 481 18.66 16.92 8.50
CA GLU B 481 19.55 17.99 8.81
C GLU B 481 19.59 18.19 10.33
N VAL B 482 18.68 17.52 11.02
CA VAL B 482 18.56 17.53 12.48
C VAL B 482 19.26 16.26 12.97
N SER B 483 20.24 16.40 13.86
CA SER B 483 21.06 15.26 14.27
C SER B 483 21.86 15.43 15.58
N TYR B 484 22.19 14.29 16.20
CA TYR B 484 22.96 14.17 17.43
C TYR B 484 24.41 13.78 17.12
N ARG B 485 25.18 14.72 16.57
CA ARG B 485 26.57 14.51 16.14
C ARG B 485 26.93 15.70 15.26
N LYS B 486 28.16 16.20 15.35
CA LYS B 486 28.48 17.47 14.67
C LYS B 486 29.55 17.37 13.62
N ASN B 487 29.35 18.07 12.51
CA ASN B 487 30.20 17.95 11.30
C ASN B 487 30.42 16.48 10.93
N THR B 488 29.33 15.77 10.68
CA THR B 488 29.42 14.40 10.20
C THR B 488 30.10 14.47 8.86
N PRO B 489 31.13 13.65 8.66
CA PRO B 489 31.69 13.47 7.35
C PRO B 489 30.59 13.19 6.36
N ILE B 490 30.44 14.10 5.39
CA ILE B 490 29.47 13.99 4.32
C ILE B 490 30.16 13.33 3.10
N ASP B 491 29.60 12.21 2.62
CA ASP B 491 30.16 11.50 1.47
C ASP B 491 29.73 12.11 0.15
N GLY B 492 30.70 12.26 -0.74
CA GLY B 492 30.45 12.94 -1.99
C GLY B 492 29.53 12.15 -2.87
N LYS B 493 28.61 12.84 -3.54
CA LYS B 493 27.74 12.19 -4.51
C LYS B 493 27.68 12.95 -5.85
N TRP B 494 27.32 12.24 -6.92
CA TRP B 494 27.35 12.76 -8.28
C TRP B 494 26.10 13.51 -8.68
N ASN B 495 26.21 14.47 -9.59
CA ASN B 495 25.02 14.96 -10.28
C ASN B 495 24.84 14.06 -11.50
N CYS B 496 23.85 14.36 -12.35
CA CYS B 496 23.57 13.53 -13.52
C CYS B 496 24.66 13.69 -14.60
N TRP B 497 24.97 12.61 -15.33
CA TRP B 497 25.80 12.70 -16.54
C TRP B 497 25.27 13.82 -17.45
N SER B 498 26.17 14.68 -17.95
CA SER B 498 25.78 15.62 -19.03
C SER B 498 25.43 14.88 -20.34
N ASN B 499 24.74 15.58 -21.23
CA ASN B 499 24.49 15.07 -22.59
C ASN B 499 25.80 14.73 -23.29
N TRP B 500 25.77 13.72 -24.16
CA TRP B 500 26.95 13.44 -24.98
C TRP B 500 27.14 14.60 -25.93
N SER B 501 28.40 14.95 -26.18
CA SER B 501 28.74 15.79 -27.32
C SER B 501 28.75 14.84 -28.52
N SER B 502 27.66 14.85 -29.29
CA SER B 502 27.37 13.79 -30.27
C SER B 502 28.09 13.82 -31.63
N CYS B 503 29.16 13.02 -31.67
CA CYS B 503 29.74 12.34 -32.84
C CYS B 503 30.97 12.93 -33.50
N SER B 504 31.35 14.12 -33.06
CA SER B 504 32.72 14.54 -33.25
C SER B 504 33.59 13.53 -32.52
N GLY B 505 32.92 12.54 -31.92
CA GLY B 505 33.52 11.52 -31.05
C GLY B 505 33.05 11.85 -29.64
N ARG B 506 32.21 10.98 -29.06
CA ARG B 506 31.39 11.32 -27.86
C ARG B 506 32.02 11.15 -26.47
N ARG B 507 31.88 12.18 -25.63
CA ARG B 507 32.15 12.06 -24.17
C ARG B 507 31.16 12.85 -23.33
N LYS B 508 30.85 12.26 -22.17
CA LYS B 508 29.92 12.79 -21.17
C LYS B 508 30.73 13.16 -19.97
N THR B 509 30.32 14.23 -19.32
CA THR B 509 30.91 14.56 -18.05
C THR B 509 29.86 14.61 -16.93
N ARG B 510 30.40 14.71 -15.73
CA ARG B 510 29.74 14.41 -14.48
C ARG B 510 30.50 15.19 -13.44
N GLN B 511 29.83 15.87 -12.54
CA GLN B 511 30.55 16.47 -11.42
C GLN B 511 30.15 15.84 -10.08
N ARG B 512 31.10 15.71 -9.16
CA ARG B 512 30.75 15.33 -7.78
C ARG B 512 30.39 16.60 -6.99
N GLN B 513 29.33 17.26 -7.43
CA GLN B 513 28.84 18.48 -6.82
C GLN B 513 27.56 18.17 -6.06
N CYS B 514 26.95 17.01 -6.30
CA CYS B 514 25.57 16.78 -5.83
C CYS B 514 25.57 16.20 -4.43
N ASN B 515 26.02 17.09 -3.56
CA ASN B 515 26.65 16.75 -2.34
C ASN B 515 28.07 16.32 -2.63
N ASN B 516 28.98 17.27 -2.50
CA ASN B 516 30.40 16.96 -2.41
C ASN B 516 30.72 16.85 -0.94
N PRO B 517 31.86 16.25 -0.59
CA PRO B 517 32.17 16.11 0.81
C PRO B 517 32.47 17.45 1.47
N PRO B 518 31.71 17.86 2.51
CA PRO B 518 32.09 18.94 3.45
C PRO B 518 33.19 18.67 4.51
N PRO B 519 33.18 17.51 5.19
CA PRO B 519 34.51 17.18 5.67
C PRO B 519 34.93 15.73 5.37
N GLN B 520 34.57 15.19 4.19
CA GLN B 520 34.90 13.75 3.89
C GLN B 520 35.24 13.17 2.48
N ASN B 521 34.71 12.01 2.09
CA ASN B 521 35.15 11.46 0.78
C ASN B 521 34.14 10.77 -0.13
N SER B 527 32.98 4.87 -6.24
CA SER B 527 32.97 6.26 -6.67
C SER B 527 32.62 6.28 -8.15
N GLY B 528 33.58 5.99 -9.00
CA GLY B 528 33.31 5.88 -10.42
C GLY B 528 33.98 7.00 -11.17
N PRO B 529 33.86 6.97 -12.50
CA PRO B 529 34.40 7.96 -13.44
C PRO B 529 33.63 9.26 -13.45
N ALA B 530 34.35 10.37 -13.60
CA ALA B 530 33.78 11.67 -13.89
C ALA B 530 33.63 11.85 -15.39
N SER B 531 34.48 11.20 -16.17
CA SER B 531 34.33 11.27 -17.62
C SER B 531 34.25 9.92 -18.29
N GLU B 532 33.49 9.84 -19.37
CA GLU B 532 33.21 8.59 -19.98
C GLU B 532 32.99 8.98 -21.41
N THR B 533 33.33 8.03 -22.30
CA THR B 533 33.33 8.27 -23.74
C THR B 533 32.81 7.05 -24.51
N LEU B 534 31.96 7.26 -25.50
CA LEU B 534 31.53 6.15 -26.34
C LEU B 534 31.88 6.33 -27.82
N ASP B 535 32.44 5.29 -28.42
CA ASP B 535 32.76 5.31 -29.81
C ASP B 535 31.48 5.65 -30.57
N CYS B 536 31.55 6.54 -31.56
CA CYS B 536 30.38 6.89 -32.37
C CYS B 536 30.65 6.75 -33.87
N ILE C 13 -19.96 -2.03 15.48
CA ILE C 13 -19.50 -2.14 16.90
C ILE C 13 -20.72 -2.01 17.82
N SER C 14 -20.79 -2.88 18.84
CA SER C 14 -22.00 -3.00 19.68
C SER C 14 -21.72 -3.44 21.15
N THR C 15 -22.45 -2.83 22.10
CA THR C 15 -22.09 -2.82 23.52
C THR C 15 -23.24 -3.11 24.51
N ILE C 16 -23.06 -4.20 25.30
CA ILE C 16 -23.94 -4.65 26.44
C ILE C 16 -23.15 -5.17 27.68
N GLN C 17 -23.86 -5.52 28.77
CA GLN C 17 -23.26 -5.59 30.13
C GLN C 17 -22.57 -6.91 30.54
N PRO C 18 -21.31 -6.82 31.02
CA PRO C 18 -20.57 -7.94 31.65
C PRO C 18 -21.08 -8.34 33.02
N LYS C 19 -20.80 -9.59 33.38
CA LYS C 19 -21.14 -10.12 34.69
C LYS C 19 -20.74 -9.16 35.78
N ALA C 20 -21.68 -8.91 36.70
CA ALA C 20 -21.41 -8.06 37.86
C ALA C 20 -20.36 -8.82 38.68
N ASN C 21 -19.30 -8.10 39.06
CA ASN C 21 -18.12 -8.65 39.76
C ASN C 21 -17.53 -9.89 39.11
N PHE C 22 -17.61 -9.98 37.79
CA PHE C 22 -17.13 -11.16 37.12
C PHE C 22 -15.88 -11.71 37.80
N ASP C 23 -15.91 -13.00 38.12
CA ASP C 23 -14.86 -13.60 38.93
C ASP C 23 -14.07 -14.72 38.18
N ALA C 24 -12.96 -14.34 37.57
CA ALA C 24 -12.15 -15.27 36.78
C ALA C 24 -11.83 -16.58 37.50
N GLN C 25 -11.66 -16.50 38.82
CA GLN C 25 -11.31 -17.67 39.58
C GLN C 25 -12.47 -18.63 39.66
N GLN C 26 -13.68 -18.09 39.80
CA GLN C 26 -14.92 -18.91 39.81
C GLN C 26 -15.28 -19.49 38.43
N PHE C 27 -14.88 -18.76 37.40
CA PHE C 27 -15.18 -19.07 36.01
C PHE C 27 -14.11 -20.00 35.43
N ALA C 28 -13.09 -20.33 36.23
CA ALA C 28 -11.99 -21.16 35.77
C ALA C 28 -12.42 -22.59 35.43
N GLY C 29 -11.50 -23.36 34.84
CA GLY C 29 -11.76 -24.74 34.53
C GLY C 29 -12.28 -25.00 33.11
N THR C 30 -12.86 -26.18 32.95
CA THR C 30 -13.33 -26.65 31.66
C THR C 30 -14.77 -26.26 31.37
N TRP C 31 -15.00 -25.74 30.19
CA TRP C 31 -16.35 -25.58 29.69
C TRP C 31 -16.57 -26.37 28.38
N LEU C 32 -17.76 -26.91 28.23
CA LEU C 32 -18.20 -27.58 27.02
C LEU C 32 -19.01 -26.63 26.14
N LEU C 33 -18.69 -26.57 24.86
CA LEU C 33 -19.40 -25.71 23.94
C LEU C 33 -20.65 -26.42 23.55
N VAL C 34 -21.76 -25.73 23.66
CA VAL C 34 -23.07 -26.32 23.41
C VAL C 34 -23.68 -25.76 22.14
N ALA C 35 -23.64 -24.45 21.96
CA ALA C 35 -24.23 -23.85 20.79
C ALA C 35 -23.57 -22.52 20.45
N VAL C 36 -23.53 -22.22 19.15
CA VAL C 36 -23.12 -20.92 18.66
C VAL C 36 -24.30 -20.26 17.94
N GLY C 37 -24.55 -19.01 18.27
CA GLY C 37 -25.45 -18.13 17.49
C GLY C 37 -24.58 -17.20 16.68
N SER C 38 -24.73 -17.22 15.35
CA SER C 38 -23.90 -16.47 14.43
C SER C 38 -24.36 -16.60 12.96
N ALA C 39 -23.81 -15.76 12.10
CA ALA C 39 -23.82 -15.97 10.67
C ALA C 39 -22.43 -15.63 10.16
N CYS C 40 -21.57 -16.63 10.10
CA CYS C 40 -20.28 -16.55 9.42
C CYS C 40 -20.47 -17.32 8.11
N ARG C 41 -19.53 -17.20 7.18
CA ARG C 41 -19.55 -18.03 5.98
C ARG C 41 -19.72 -19.50 6.39
N PHE C 42 -18.75 -19.95 7.16
CA PHE C 42 -18.54 -21.34 7.55
C PHE C 42 -19.77 -22.06 8.10
N LEU C 43 -20.42 -21.44 9.08
CA LEU C 43 -21.41 -22.11 9.91
C LEU C 43 -22.72 -22.41 9.21
N GLN C 44 -22.92 -21.79 8.04
CA GLN C 44 -24.05 -22.12 7.20
C GLN C 44 -23.72 -23.34 6.31
N GLU C 45 -22.55 -23.35 5.70
CA GLU C 45 -22.13 -24.44 4.79
C GLU C 45 -21.61 -25.67 5.52
N GLN C 46 -20.32 -25.66 5.82
CA GLN C 46 -19.66 -26.70 6.59
C GLN C 46 -20.23 -26.78 8.03
N GLY C 47 -21.52 -26.48 8.16
CA GLY C 47 -22.25 -26.54 9.42
C GLY C 47 -22.24 -27.94 9.98
N HIS C 48 -22.83 -28.87 9.24
CA HIS C 48 -22.70 -30.31 9.51
C HIS C 48 -21.30 -30.79 10.00
N ARG C 49 -20.33 -29.88 10.11
CA ARG C 49 -18.93 -30.28 10.38
C ARG C 49 -18.36 -29.85 11.74
N ALA C 50 -19.18 -29.17 12.54
CA ALA C 50 -18.80 -28.76 13.90
C ALA C 50 -18.18 -29.92 14.67
N GLU C 51 -16.96 -29.71 15.16
CA GLU C 51 -16.35 -30.60 16.14
C GLU C 51 -16.73 -30.25 17.58
N ALA C 52 -16.84 -31.29 18.40
CA ALA C 52 -16.96 -31.16 19.84
C ALA C 52 -15.83 -30.28 20.36
N THR C 53 -16.18 -29.30 21.19
CA THR C 53 -15.25 -28.26 21.58
C THR C 53 -15.25 -27.99 23.08
N THR C 54 -14.05 -28.02 23.63
CA THR C 54 -13.90 -27.88 25.05
C THR C 54 -12.96 -26.70 25.28
N LEU C 55 -13.36 -25.82 26.19
CA LEU C 55 -12.59 -24.62 26.57
C LEU C 55 -11.95 -24.81 27.98
N HIS C 56 -10.65 -24.59 28.10
CA HIS C 56 -10.04 -24.62 29.40
C HIS C 56 -9.53 -23.24 29.75
N VAL C 57 -10.09 -22.68 30.83
CA VAL C 57 -9.81 -21.31 31.25
C VAL C 57 -9.06 -21.29 32.58
N ALA C 58 -7.99 -20.48 32.65
CA ALA C 58 -7.25 -20.27 33.90
C ALA C 58 -6.87 -18.81 34.04
N PRO C 59 -7.07 -18.24 35.23
CA PRO C 59 -6.71 -16.82 35.42
C PRO C 59 -5.22 -16.58 35.25
N GLN C 60 -4.89 -15.42 34.68
CA GLN C 60 -3.51 -14.93 34.63
C GLN C 60 -3.49 -13.40 34.58
N GLY C 61 -3.28 -12.76 35.74
CA GLY C 61 -3.34 -11.29 35.84
C GLY C 61 -4.80 -10.88 35.72
N THR C 62 -5.08 -9.74 35.07
CA THR C 62 -6.49 -9.40 34.68
C THR C 62 -6.80 -9.99 33.29
N ALA C 63 -5.85 -10.75 32.75
CA ALA C 63 -6.10 -11.53 31.53
C ALA C 63 -6.50 -12.96 31.92
N MET C 64 -6.74 -13.80 30.91
CA MET C 64 -7.20 -15.16 31.17
C MET C 64 -6.62 -16.08 30.13
N ALA C 65 -5.79 -17.03 30.54
CA ALA C 65 -5.27 -18.03 29.63
C ALA C 65 -6.40 -18.98 29.23
N VAL C 66 -6.62 -19.13 27.92
CA VAL C 66 -7.69 -19.97 27.43
C VAL C 66 -7.15 -20.98 26.44
N SER C 67 -7.34 -22.25 26.76
CA SER C 67 -7.03 -23.36 25.88
C SER C 67 -8.30 -23.92 25.25
N THR C 68 -8.27 -24.09 23.93
CA THR C 68 -9.36 -24.77 23.28
C THR C 68 -8.82 -26.08 22.71
N PHE C 69 -9.51 -27.18 23.00
CA PHE C 69 -9.08 -28.51 22.54
C PHE C 69 -10.10 -28.98 21.55
N ARG C 70 -9.64 -29.36 20.35
CA ARG C 70 -10.55 -29.95 19.33
C ARG C 70 -9.80 -30.64 18.20
N LYS C 71 -10.53 -31.52 17.50
CA LYS C 71 -9.96 -32.26 16.40
C LYS C 71 -9.75 -31.41 15.15
N LEU C 72 -8.57 -31.53 14.55
CA LEU C 72 -8.38 -31.17 13.13
C LEU C 72 -8.01 -32.45 12.40
N ASP C 73 -8.73 -32.73 11.33
CA ASP C 73 -8.45 -33.91 10.53
C ASP C 73 -8.35 -35.20 11.35
N GLY C 74 -9.12 -35.24 12.45
CA GLY C 74 -9.15 -36.39 13.36
C GLY C 74 -7.98 -36.56 14.33
N ILE C 75 -7.07 -35.58 14.35
CA ILE C 75 -6.12 -35.44 15.46
C ILE C 75 -6.66 -34.39 16.44
N CYS C 76 -6.58 -34.67 17.73
CA CYS C 76 -6.83 -33.67 18.76
C CYS C 76 -5.74 -32.58 18.71
N TRP C 77 -6.19 -31.33 18.57
CA TRP C 77 -5.35 -30.16 18.67
C TRP C 77 -5.64 -29.39 19.97
N GLN C 78 -4.74 -28.48 20.34
CA GLN C 78 -4.96 -27.51 21.42
C GLN C 78 -4.56 -26.14 20.94
N VAL C 79 -5.51 -25.21 20.93
CA VAL C 79 -5.20 -23.82 20.62
C VAL C 79 -5.06 -23.08 21.95
N ARG C 80 -3.94 -22.39 22.12
CA ARG C 80 -3.67 -21.55 23.31
C ARG C 80 -3.89 -20.09 22.96
N GLN C 81 -4.95 -19.48 23.47
CA GLN C 81 -5.10 -18.03 23.30
C GLN C 81 -4.91 -17.26 24.61
N LEU C 82 -4.98 -15.94 24.49
CA LEU C 82 -4.90 -15.11 25.66
C LEU C 82 -6.00 -14.09 25.61
N TYR C 83 -6.96 -14.26 26.51
CA TYR C 83 -8.10 -13.37 26.65
C TYR C 83 -7.69 -12.15 27.45
N GLY C 84 -6.95 -11.25 26.80
CA GLY C 84 -6.35 -10.08 27.46
C GLY C 84 -7.25 -8.99 28.01
N ASP C 85 -6.74 -8.31 29.03
CA ASP C 85 -7.42 -7.23 29.76
C ASP C 85 -7.88 -6.03 28.94
N THR C 86 -9.18 -5.79 28.93
CA THR C 86 -9.69 -4.61 28.26
C THR C 86 -9.62 -3.36 29.13
N GLY C 87 -9.28 -3.54 30.40
CA GLY C 87 -9.46 -2.49 31.43
C GLY C 87 -10.86 -2.48 32.05
N VAL C 88 -11.79 -3.22 31.43
CA VAL C 88 -13.11 -3.47 32.02
C VAL C 88 -13.24 -4.92 32.45
N LEU C 89 -13.26 -5.11 33.77
CA LEU C 89 -13.70 -6.35 34.39
C LEU C 89 -14.84 -6.95 33.58
N GLY C 90 -14.63 -8.13 33.01
CA GLY C 90 -15.66 -8.83 32.24
C GLY C 90 -15.51 -8.83 30.73
N ARG C 91 -14.99 -7.73 30.17
CA ARG C 91 -14.67 -7.65 28.74
C ARG C 91 -13.27 -8.11 28.49
N PHE C 92 -13.04 -8.67 27.30
CA PHE C 92 -11.71 -9.17 26.98
C PHE C 92 -11.39 -8.94 25.53
N LEU C 93 -10.16 -8.54 25.25
CA LEU C 93 -9.78 -8.43 23.88
C LEU C 93 -9.04 -9.66 23.47
N LEU C 94 -9.39 -10.12 22.28
CA LEU C 94 -8.67 -11.19 21.63
C LEU C 94 -8.36 -10.78 20.17
N GLN C 95 -7.21 -11.27 19.68
CA GLN C 95 -6.98 -11.44 18.23
C GLN C 95 -6.32 -12.80 18.01
N ALA C 99 -5.35 -13.74 9.13
CA ALA C 99 -6.28 -13.25 10.15
C ALA C 99 -6.69 -11.80 9.85
N ARG C 100 -7.99 -11.55 9.77
CA ARG C 100 -8.50 -10.19 9.77
C ARG C 100 -9.68 -10.03 10.72
N GLY C 101 -9.43 -9.31 11.80
CA GLY C 101 -10.47 -8.87 12.72
C GLY C 101 -9.94 -8.66 14.12
N ALA C 102 -10.85 -8.19 14.98
CA ALA C 102 -10.57 -7.88 16.35
C ALA C 102 -11.66 -8.52 17.21
N VAL C 103 -11.24 -9.37 18.13
CA VAL C 103 -12.21 -10.13 18.91
C VAL C 103 -12.40 -9.52 20.29
N HIS C 104 -13.64 -9.12 20.51
CA HIS C 104 -14.10 -8.56 21.74
C HIS C 104 -14.94 -9.61 22.42
N VAL C 105 -14.43 -10.15 23.53
CA VAL C 105 -15.22 -11.06 24.30
C VAL C 105 -15.94 -10.37 25.46
N VAL C 106 -17.15 -10.82 25.75
CA VAL C 106 -17.99 -10.30 26.80
C VAL C 106 -18.50 -11.49 27.61
N VAL C 107 -18.24 -11.56 28.91
CA VAL C 107 -18.88 -12.61 29.69
C VAL C 107 -20.17 -12.02 30.16
N ALA C 108 -21.28 -12.49 29.59
CA ALA C 108 -22.59 -11.84 29.75
C ALA C 108 -23.41 -12.36 30.92
N GLU C 109 -23.35 -13.68 31.10
CA GLU C 109 -24.24 -14.38 32.00
C GLU C 109 -23.50 -15.67 32.34
N THR C 110 -23.60 -16.06 33.61
CA THR C 110 -23.01 -17.29 34.08
C THR C 110 -23.26 -17.42 35.57
N ASP C 111 -23.78 -18.57 35.98
CA ASP C 111 -23.44 -19.09 37.28
C ASP C 111 -22.11 -19.70 36.91
N TYR C 112 -21.30 -20.11 37.83
CA TYR C 112 -20.01 -20.57 37.37
C TYR C 112 -20.03 -22.08 37.47
N GLN C 113 -21.13 -22.57 38.02
CA GLN C 113 -21.31 -23.99 38.31
C GLN C 113 -22.00 -24.77 37.17
N SER C 114 -22.73 -24.11 36.28
CA SER C 114 -23.38 -24.90 35.22
C SER C 114 -23.28 -24.39 33.77
N PHE C 115 -23.57 -23.12 33.55
CA PHE C 115 -23.57 -22.55 32.20
C PHE C 115 -22.84 -21.22 32.10
N ALA C 116 -22.61 -20.76 30.87
CA ALA C 116 -22.13 -19.41 30.62
C ALA C 116 -22.55 -18.93 29.22
N VAL C 117 -22.92 -17.67 29.11
CA VAL C 117 -23.15 -17.02 27.82
C VAL C 117 -22.08 -15.98 27.46
N LEU C 118 -21.36 -16.21 26.37
CA LEU C 118 -20.34 -15.28 25.87
C LEU C 118 -20.78 -14.59 24.57
N TYR C 119 -20.41 -13.31 24.40
CA TYR C 119 -20.52 -12.65 23.08
C TYR C 119 -19.15 -12.37 22.49
N LEU C 120 -19.09 -12.35 21.18
CA LEU C 120 -17.86 -12.01 20.52
C LEU C 120 -18.20 -11.10 19.35
N GLU C 121 -17.50 -9.98 19.24
CA GLU C 121 -17.67 -9.08 18.12
C GLU C 121 -16.40 -9.15 17.33
N ARG C 122 -16.53 -9.34 16.01
CA ARG C 122 -15.42 -9.18 15.09
C ARG C 122 -15.92 -8.42 13.86
N ALA C 123 -15.01 -7.65 13.24
CA ALA C 123 -15.32 -6.76 12.11
C ALA C 123 -16.76 -6.24 12.20
N GLY C 124 -17.09 -5.58 13.32
CA GLY C 124 -18.45 -5.13 13.62
C GLY C 124 -19.58 -6.16 13.82
N GLN C 125 -19.27 -7.46 13.80
CA GLN C 125 -20.33 -8.50 13.87
C GLN C 125 -20.37 -9.44 15.09
N LEU C 126 -21.55 -9.53 15.68
CA LEU C 126 -21.84 -10.35 16.84
C LEU C 126 -21.90 -11.82 16.59
N SER C 127 -21.54 -12.57 17.64
CA SER C 127 -21.82 -14.01 17.79
C SER C 127 -22.07 -14.34 19.26
N VAL C 128 -23.00 -15.24 19.51
CA VAL C 128 -23.31 -15.61 20.89
C VAL C 128 -22.94 -17.07 21.15
N LYS C 129 -22.20 -17.32 22.21
CA LYS C 129 -21.79 -18.68 22.53
C LYS C 129 -22.42 -19.17 23.80
N LEU C 130 -22.77 -20.44 23.80
CA LEU C 130 -23.29 -21.05 25.00
C LEU C 130 -22.45 -22.24 25.38
N TYR C 131 -22.01 -22.21 26.65
CA TYR C 131 -21.17 -23.21 27.24
C TYR C 131 -21.79 -23.74 28.51
N ALA C 132 -21.26 -24.85 28.98
CA ALA C 132 -21.81 -25.60 30.08
C ALA C 132 -20.68 -26.40 30.68
N ARG C 133 -20.85 -26.85 31.91
CA ARG C 133 -19.84 -27.62 32.61
C ARG C 133 -20.09 -29.09 32.35
N SER C 134 -21.34 -29.41 32.03
CA SER C 134 -21.73 -30.77 31.72
C SER C 134 -23.05 -30.78 30.92
N LEU C 135 -23.28 -31.87 30.22
CA LEU C 135 -24.54 -32.11 29.52
C LEU C 135 -25.17 -33.26 30.26
N PRO C 136 -26.50 -33.37 30.20
CA PRO C 136 -27.41 -32.46 29.54
C PRO C 136 -27.31 -31.07 30.13
N VAL C 137 -27.31 -30.07 29.25
CA VAL C 137 -27.57 -28.71 29.65
C VAL C 137 -29.04 -28.68 30.08
N SER C 138 -29.47 -27.63 30.78
CA SER C 138 -30.89 -27.51 31.10
C SER C 138 -31.58 -26.89 29.88
N ASP C 139 -32.88 -27.19 29.71
CA ASP C 139 -33.66 -26.61 28.61
C ASP C 139 -34.00 -25.13 28.83
N SER C 140 -34.38 -24.78 30.07
CA SER C 140 -34.62 -23.36 30.42
C SER C 140 -33.39 -22.48 30.11
N VAL C 141 -32.21 -23.08 30.31
CA VAL C 141 -30.92 -22.52 29.93
C VAL C 141 -30.80 -22.42 28.40
N LEU C 142 -31.22 -23.47 27.68
CA LEU C 142 -31.26 -23.40 26.21
C LEU C 142 -32.25 -22.34 25.74
N SER C 143 -33.40 -22.30 26.41
CA SER C 143 -34.40 -21.31 26.10
C SER C 143 -33.82 -19.91 26.34
N GLY C 144 -33.34 -19.66 27.57
CA GLY C 144 -32.73 -18.39 27.95
C GLY C 144 -31.74 -17.88 26.91
N PHE C 145 -30.89 -18.78 26.42
CA PHE C 145 -29.93 -18.49 25.36
C PHE C 145 -30.59 -18.31 23.99
N GLU C 146 -31.64 -19.08 23.69
CA GLU C 146 -32.47 -18.87 22.47
C GLU C 146 -33.11 -17.47 22.52
N GLN C 147 -33.79 -17.19 23.64
CA GLN C 147 -34.42 -15.90 23.89
C GLN C 147 -33.42 -14.75 23.73
N ARG C 148 -32.18 -14.99 24.12
CA ARG C 148 -31.13 -13.97 24.11
C ARG C 148 -30.62 -13.71 22.68
N VAL C 149 -30.60 -14.75 21.86
CA VAL C 149 -30.17 -14.61 20.47
C VAL C 149 -31.22 -13.92 19.59
N GLN C 150 -32.51 -14.16 19.90
CA GLN C 150 -33.62 -13.54 19.18
C GLN C 150 -33.88 -12.13 19.68
N GLU C 151 -32.85 -11.54 20.30
CA GLU C 151 -32.83 -10.15 20.69
C GLU C 151 -31.43 -9.67 20.48
N ALA C 152 -30.59 -10.59 20.01
CA ALA C 152 -29.26 -10.30 19.53
C ALA C 152 -29.30 -10.05 18.03
N HIS C 153 -30.51 -10.13 17.47
CA HIS C 153 -30.81 -9.95 16.03
C HIS C 153 -30.15 -10.91 15.05
N LEU C 154 -30.26 -12.20 15.40
CA LEU C 154 -29.96 -13.33 14.51
C LEU C 154 -31.17 -14.27 14.57
N THR C 155 -31.32 -15.14 13.57
CA THR C 155 -32.56 -15.95 13.41
C THR C 155 -32.44 -17.37 14.00
N GLU C 156 -33.59 -17.95 14.33
CA GLU C 156 -33.66 -19.31 14.84
C GLU C 156 -32.89 -20.34 13.98
N ASP C 157 -32.76 -20.08 12.68
CA ASP C 157 -31.95 -20.91 11.76
C ASP C 157 -30.44 -20.63 11.85
N GLN C 158 -30.09 -19.53 12.53
CA GLN C 158 -28.69 -19.13 12.76
C GLN C 158 -28.13 -19.61 14.15
N ILE C 159 -28.80 -20.57 14.76
CA ILE C 159 -28.29 -21.30 15.92
C ILE C 159 -27.67 -22.62 15.45
N PHE C 160 -26.51 -22.99 16.00
CA PHE C 160 -25.85 -24.21 15.56
C PHE C 160 -25.37 -25.06 16.72
N TYR C 161 -26.04 -26.20 16.91
CA TYR C 161 -25.77 -27.06 18.07
C TYR C 161 -24.61 -27.98 17.79
N PHE C 162 -23.61 -27.91 18.65
CA PHE C 162 -22.39 -28.68 18.47
C PHE C 162 -22.55 -30.08 19.00
N PRO C 163 -21.63 -30.99 18.62
CA PRO C 163 -21.61 -32.35 19.11
C PRO C 163 -21.66 -32.44 20.63
N LYS C 164 -22.12 -33.60 21.11
CA LYS C 164 -22.27 -33.91 22.51
C LYS C 164 -21.34 -35.05 22.92
N TYR C 165 -20.48 -35.48 22.02
CA TYR C 165 -19.45 -36.43 22.41
C TYR C 165 -18.38 -36.21 21.37
N GLY C 166 -17.17 -36.70 21.62
CA GLY C 166 -16.04 -36.44 20.73
C GLY C 166 -15.03 -35.43 21.26
N PHE C 167 -15.28 -34.88 22.46
CA PHE C 167 -14.34 -33.97 23.18
C PHE C 167 -12.95 -34.51 23.43
N CYS C 168 -11.98 -33.70 23.07
CA CYS C 168 -10.58 -34.02 23.26
C CYS C 168 -10.15 -33.92 24.71
N GLU C 169 -9.57 -35.04 25.12
CA GLU C 169 -8.89 -35.31 26.36
C GLU C 169 -7.79 -34.29 26.67
N ALA C 170 -6.62 -34.52 26.09
CA ALA C 170 -5.54 -33.56 26.14
C ALA C 170 -5.01 -33.45 24.73
N ALA C 171 -4.60 -32.25 24.34
CA ALA C 171 -3.82 -32.11 23.13
C ALA C 171 -2.43 -32.68 23.38
N ASP C 172 -1.63 -32.73 22.32
CA ASP C 172 -0.44 -33.54 22.29
C ASP C 172 0.78 -32.79 21.73
N GLN C 173 1.63 -32.31 22.65
CA GLN C 173 2.75 -31.37 22.41
C GLN C 173 3.13 -30.97 20.95
N PHE C 174 3.21 -31.94 20.05
CA PHE C 174 3.42 -31.62 18.62
C PHE C 174 2.23 -30.82 18.02
N HIS C 175 1.01 -31.16 18.45
CA HIS C 175 -0.23 -30.60 17.91
C HIS C 175 -0.88 -29.57 18.84
N VAL C 176 -0.23 -28.42 19.02
CA VAL C 176 -0.83 -27.30 19.73
C VAL C 176 -0.55 -25.97 19.07
N LEU C 177 -1.61 -25.23 18.76
CA LEU C 177 -1.51 -23.87 18.27
C LEU C 177 -1.19 -22.96 19.44
N ASP C 178 -0.22 -22.07 19.22
CA ASP C 178 0.25 -21.17 20.25
C ASP C 178 0.13 -19.73 19.77
N GLU C 179 -1.08 -19.31 19.45
CA GLU C 179 -1.37 -17.90 19.20
C GLU C 179 -0.78 -16.95 20.30
N VAL C 180 -0.37 -17.51 21.45
CA VAL C 180 0.22 -16.69 22.52
C VAL C 180 1.68 -16.37 22.24
#